data_3QNN
#
_entry.id   3QNN
#
_cell.length_a   74.811
_cell.length_b   120.042
_cell.length_c   130.409
_cell.angle_alpha   90.00
_cell.angle_beta   90.00
_cell.angle_gamma   90.00
#
_symmetry.space_group_name_H-M   'P 21 21 21'
#
loop_
_entity.id
_entity.type
_entity.pdbx_description
1 polymer 'DNA polymerase'
2 polymer 'DNA Template'
3 polymer 'DNA Primer'
4 non-polymer "2'-DEOXYGUANOSINE-5'-TRIPHOSPHATE"
5 non-polymer 'CALCIUM ION'
6 water water
#
loop_
_entity_poly.entity_id
_entity_poly.type
_entity_poly.pdbx_seq_one_letter_code
_entity_poly.pdbx_strand_id
1 'polypeptide(L)'
;MKEFYLTVEQIGDSIFERYIDSNGRERTREVEYKPSLFAHCPESQATKYFDIYGKPCTRKLFANMRDASQWIKRMEDIGL
EALGMDDFKLAYLSDTYNYEIKYDHTKIRVANFDIEVTSPDGFPEPSQAKHPIDAITHYDSIDDRFYVFDLLNSPYGNVE
EWSIEIAAKLQEQGGDEVPSEIIDKIIYMPFDNEKELLMEYLNFWQQKTPVILTGWNVESFAIPYVYNRIKNIFGESTAK
RLSPHRKTRVKVIENMYGSREIITLFGISVLDYIDLYKKFSFTNQPSYSLDYISEFELNVGKLKYDGPISKLRESNHQRY
ISYNIIAVYRVLQIDAKRQFINLSLDMGYYAKIQIQSVFSPIKTWDAIIFNSLKEQNKVIPQGRSHPVQPYPGAFVKEPI
PNRYKYVMSFDLTSLYPSIIRQVNISPETIAGTFKVAPLHDYINAVAERPSDVYSCSPNGMMYYKDRDGVVPTEITKVFN
QRKEHKGYMLAAQRNGEIIKEALHNPNLSVDEPLDVDYRFDFSDEIKEKIKKLSAKSLNEMLFRAQRTEVAGMTAQINRK
LLINSLAGALGNVWFRYYDLRNATAITTFGQMALQWIERKVNEYLNEVCGTEGEAFVLYGDTDSIYVSADKIIDKVGESK
FRDTNHWVDFLDKFARERMEPAIDRGFREMCEYMNNKQHLMFMDREAIAGPPLGSKGIGGFWTGKKRYALNVWDMEGTRY
AEPKLKIMGLETQKSSTPKAVQKALKECIRRMLQEGEESLQEYFKEFEKEFRQLNYISIASVSSANNIAKYDVGGFPGPK
CPFHIRGILTYNRAIKGNIDAPQVVEGEKVYVLPLREGNPFGDKCIAWPSGTEITDLIKDDVLHWMDYTVLLEKTFIKPL
EGFTSAAKLDYEKKASLFDMF
;
A
2 'polydeoxyribonucleotide' (DT)(DC)(DA)(YCO)(DG)(DT)(DA)(DA)(DG)(DC)(DA)(DG)(DT)(DC)(DC)(DG)(DC)(DG) T
3 'polydeoxyribonucleotide' (DG)(DC)(DG)(DG)(DA)(DC)(DT)(DG)(DC)(DT)(DT)(DA)(DOC) P
#
loop_
_chem_comp.id
_chem_comp.type
_chem_comp.name
_chem_comp.formula
CA non-polymer 'CALCIUM ION' 'Ca 2'
DA DNA linking 2'-DEOXYADENOSINE-5'-MONOPHOSPHATE 'C10 H14 N5 O6 P'
DC DNA linking 2'-DEOXYCYTIDINE-5'-MONOPHOSPHATE 'C9 H14 N3 O7 P'
DG DNA linking 2'-DEOXYGUANOSINE-5'-MONOPHOSPHATE 'C10 H14 N5 O7 P'
DGT non-polymer 2'-DEOXYGUANOSINE-5'-TRIPHOSPHATE 'C10 H16 N5 O13 P3'
DOC DNA linking 2',3'-DIDEOXYCYTIDINE-5'-MONOPHOSPHATE 'C9 H14 N3 O6 P'
DT DNA linking THYMIDINE-5'-MONOPHOSPHATE 'C10 H15 N2 O8 P'
YCO DNA linking 3-(2-deoxy-5-O-phosphono-beta-D-erythro-pentofuranosyl)-1H-pyrimido[5,4-b][1,4]benzoxazin-2(3H)-one 'C15 H16 N3 O8 P'
#
# COMPACT_ATOMS: atom_id res chain seq x y z
N MET A 1 14.72 9.00 -31.01
CA MET A 1 14.08 8.10 -30.01
C MET A 1 12.81 7.44 -30.56
N LYS A 2 12.43 6.31 -29.94
CA LYS A 2 11.17 5.63 -30.24
C LYS A 2 10.03 6.43 -29.61
N GLU A 3 8.90 6.50 -30.31
CA GLU A 3 7.74 7.21 -29.80
C GLU A 3 7.09 6.47 -28.63
N PHE A 4 6.39 7.21 -27.77
CA PHE A 4 5.57 6.61 -26.73
C PHE A 4 4.35 7.47 -26.45
N TYR A 5 3.24 6.80 -26.11
CA TYR A 5 2.00 7.50 -25.83
C TYR A 5 2.08 8.22 -24.48
N LEU A 6 1.21 9.20 -24.31
CA LEU A 6 1.04 9.89 -23.04
C LEU A 6 -0.34 9.52 -22.50
N THR A 7 -1.37 9.84 -23.29
CA THR A 7 -2.74 9.50 -22.96
C THR A 7 -3.46 8.96 -24.19
N VAL A 8 -4.50 8.17 -23.97
CA VAL A 8 -5.33 7.67 -25.06
C VAL A 8 -6.78 7.71 -24.61
N GLU A 9 -7.66 8.14 -25.52
CA GLU A 9 -9.11 8.14 -25.24
C GLU A 9 -9.89 7.63 -26.45
N GLN A 10 -11.03 6.98 -26.18
CA GLN A 10 -12.02 6.76 -27.24
C GLN A 10 -13.12 7.80 -27.14
N ILE A 11 -13.32 8.57 -28.21
CA ILE A 11 -14.43 9.51 -28.27
C ILE A 11 -15.22 9.24 -29.55
N GLY A 12 -16.39 8.62 -29.38
CA GLY A 12 -17.20 8.19 -30.50
C GLY A 12 -16.42 7.20 -31.35
N ASP A 13 -16.24 7.52 -32.63
CA ASP A 13 -15.51 6.63 -33.54
C ASP A 13 -14.04 7.02 -33.73
N SER A 14 -13.54 7.90 -32.87
CA SER A 14 -12.15 8.33 -32.92
C SER A 14 -11.38 7.95 -31.67
N ILE A 15 -10.11 7.60 -31.88
CA ILE A 15 -9.14 7.55 -30.81
C ILE A 15 -8.47 8.92 -30.79
N PHE A 16 -8.45 9.54 -29.60
CA PHE A 16 -7.67 10.74 -29.39
C PHE A 16 -6.43 10.38 -28.59
N GLU A 17 -5.26 10.67 -29.15
CA GLU A 17 -4.02 10.28 -28.51
C GLU A 17 -3.06 11.45 -28.36
N ARG A 18 -2.55 11.62 -27.15
CA ARG A 18 -1.42 12.51 -26.91
C ARG A 18 -0.19 11.62 -26.82
N TYR A 19 0.89 12.02 -27.48
CA TYR A 19 2.10 11.18 -27.50
C TYR A 19 3.36 12.02 -27.65
N ILE A 20 4.50 11.39 -27.41
CA ILE A 20 5.80 12.01 -27.68
C ILE A 20 6.31 11.43 -28.99
N ASP A 21 6.57 12.29 -29.97
CA ASP A 21 7.01 11.83 -31.29
C ASP A 21 8.48 11.46 -31.28
N SER A 22 8.99 11.01 -32.43
CA SER A 22 10.34 10.50 -32.56
C SER A 22 11.42 11.57 -32.35
N ASN A 23 11.01 12.83 -32.28
CA ASN A 23 11.91 13.94 -32.01
C ASN A 23 11.81 14.49 -30.60
N GLY A 24 11.01 13.83 -29.77
CA GLY A 24 10.84 14.25 -28.38
C GLY A 24 9.79 15.32 -28.15
N ARG A 25 8.97 15.60 -29.17
CA ARG A 25 7.94 16.62 -29.07
C ARG A 25 6.59 16.04 -28.65
N GLU A 26 5.84 16.79 -27.86
CA GLU A 26 4.47 16.38 -27.55
C GLU A 26 3.55 16.73 -28.72
N ARG A 27 2.76 15.75 -29.14
CA ARG A 27 1.83 15.91 -30.25
C ARG A 27 0.46 15.39 -29.84
N THR A 28 -0.56 15.71 -30.62
CA THR A 28 -1.88 15.12 -30.44
C THR A 28 -2.42 14.73 -31.80
N ARG A 29 -3.14 13.61 -31.84
CA ARG A 29 -3.75 13.16 -33.07
C ARG A 29 -5.10 12.49 -32.84
N GLU A 30 -5.96 12.60 -33.84
CA GLU A 30 -7.24 11.94 -33.85
C GLU A 30 -7.18 10.89 -34.93
N VAL A 31 -7.47 9.64 -34.55
CA VAL A 31 -7.31 8.52 -35.45
C VAL A 31 -8.62 7.75 -35.55
N GLU A 32 -9.09 7.54 -36.79
CA GLU A 32 -10.33 6.80 -37.04
C GLU A 32 -10.03 5.31 -37.04
N TYR A 33 -9.69 4.81 -35.86
CA TYR A 33 -9.23 3.44 -35.67
C TYR A 33 -10.31 2.43 -36.00
N LYS A 34 -9.97 1.48 -36.87
CA LYS A 34 -10.88 0.40 -37.21
C LYS A 34 -10.50 -0.84 -36.39
N PRO A 35 -11.33 -1.19 -35.39
CA PRO A 35 -10.95 -2.32 -34.55
C PRO A 35 -11.25 -3.65 -35.22
N SER A 36 -10.58 -4.69 -34.77
CA SER A 36 -10.89 -6.05 -35.18
C SER A 36 -11.39 -6.85 -33.99
N LEU A 37 -12.39 -7.69 -34.24
CA LEU A 37 -12.80 -8.68 -33.26
C LEU A 37 -12.87 -10.02 -34.00
N PHE A 38 -13.22 -11.08 -33.29
CA PHE A 38 -13.06 -12.43 -33.82
C PHE A 38 -14.27 -13.29 -33.52
N ALA A 39 -14.51 -14.25 -34.40
CA ALA A 39 -15.49 -15.30 -34.18
C ALA A 39 -14.84 -16.64 -34.50
N HIS A 40 -15.33 -17.71 -33.87
CA HIS A 40 -14.90 -19.05 -34.24
C HIS A 40 -15.34 -19.35 -35.67
N CYS A 41 -14.55 -20.15 -36.36
CA CYS A 41 -14.85 -20.56 -37.73
C CYS A 41 -14.59 -22.06 -37.90
N PRO A 42 -15.06 -22.66 -39.02
CA PRO A 42 -14.78 -24.08 -39.27
C PRO A 42 -13.29 -24.41 -39.36
N GLU A 43 -12.94 -25.63 -38.96
CA GLU A 43 -11.55 -26.09 -38.98
C GLU A 43 -10.99 -26.15 -40.39
N SER A 44 -11.85 -26.44 -41.36
CA SER A 44 -11.49 -26.56 -42.77
C SER A 44 -11.16 -25.23 -43.44
N GLN A 45 -11.23 -24.15 -42.66
CA GLN A 45 -10.98 -22.80 -43.18
C GLN A 45 -9.60 -22.28 -42.76
N ALA A 46 -8.85 -21.76 -43.74
CA ALA A 46 -7.49 -21.28 -43.52
C ALA A 46 -7.43 -19.98 -42.72
N THR A 47 -6.76 -20.03 -41.57
CA THR A 47 -6.57 -18.84 -40.73
C THR A 47 -5.25 -18.90 -39.98
N LYS A 48 -4.76 -17.72 -39.59
CA LYS A 48 -3.61 -17.64 -38.70
C LYS A 48 -4.01 -17.29 -37.26
N TYR A 49 -5.31 -17.04 -37.04
CA TYR A 49 -5.80 -16.68 -35.71
C TYR A 49 -6.44 -17.87 -35.00
N PHE A 50 -6.00 -18.09 -33.77
CA PHE A 50 -6.53 -19.17 -32.93
C PHE A 50 -6.83 -18.65 -31.53
N ASP A 51 -7.88 -19.18 -30.91
CA ASP A 51 -8.15 -18.82 -29.53
C ASP A 51 -7.16 -19.56 -28.61
N ILE A 52 -7.21 -19.28 -27.32
CA ILE A 52 -6.19 -19.81 -26.39
C ILE A 52 -6.27 -21.33 -26.22
N TYR A 53 -7.37 -21.93 -26.66
CA TYR A 53 -7.58 -23.37 -26.62
C TYR A 53 -7.17 -24.05 -27.93
N GLY A 54 -6.77 -23.24 -28.92
CA GLY A 54 -6.33 -23.75 -30.21
C GLY A 54 -7.42 -23.91 -31.25
N LYS A 55 -8.58 -23.30 -31.00
CA LYS A 55 -9.66 -23.33 -31.96
C LYS A 55 -9.53 -22.14 -32.93
N PRO A 56 -9.71 -22.40 -34.25
CA PRO A 56 -9.52 -21.36 -35.26
C PRO A 56 -10.57 -20.26 -35.19
N CYS A 57 -10.15 -19.04 -35.51
CA CYS A 57 -11.01 -17.87 -35.52
C CYS A 57 -10.83 -17.09 -36.82
N THR A 58 -11.91 -16.42 -37.26
CA THR A 58 -11.82 -15.48 -38.36
CA THR A 58 -11.83 -15.47 -38.36
C THR A 58 -11.81 -14.06 -37.80
N ARG A 59 -10.96 -13.21 -38.39
CA ARG A 59 -10.90 -11.81 -37.98
C ARG A 59 -11.99 -11.03 -38.68
N LYS A 60 -12.72 -10.21 -37.92
CA LYS A 60 -13.71 -9.31 -38.47
C LYS A 60 -13.26 -7.87 -38.29
N LEU A 61 -13.07 -7.17 -39.41
CA LEU A 61 -12.61 -5.79 -39.40
C LEU A 61 -13.81 -4.86 -39.56
N PHE A 62 -13.97 -3.93 -38.61
CA PHE A 62 -15.15 -3.07 -38.61
C PHE A 62 -14.87 -1.68 -39.16
N ALA A 63 -15.87 -1.09 -39.81
CA ALA A 63 -15.76 0.25 -40.38
C ALA A 63 -15.44 1.31 -39.33
N ASN A 64 -15.85 1.06 -38.10
CA ASN A 64 -15.64 1.98 -36.98
C ASN A 64 -15.89 1.27 -35.65
N MET A 65 -15.62 1.94 -34.53
CA MET A 65 -15.73 1.32 -33.21
C MET A 65 -17.17 1.06 -32.77
N ARG A 66 -18.09 1.92 -33.18
CA ARG A 66 -19.51 1.70 -32.88
C ARG A 66 -20.03 0.44 -33.55
N ASP A 67 -19.62 0.19 -34.79
CA ASP A 67 -20.01 -1.04 -35.49
C ASP A 67 -19.52 -2.28 -34.75
N ALA A 68 -18.30 -2.22 -34.23
CA ALA A 68 -17.73 -3.33 -33.46
C ALA A 68 -18.49 -3.58 -32.16
N SER A 69 -18.88 -2.50 -31.48
CA SER A 69 -19.64 -2.61 -30.23
C SER A 69 -21.03 -3.19 -30.49
N GLN A 70 -21.66 -2.76 -31.58
CA GLN A 70 -22.99 -3.25 -31.92
C GLN A 70 -22.95 -4.70 -32.37
N TRP A 71 -21.86 -5.10 -33.02
CA TRP A 71 -21.68 -6.50 -33.39
C TRP A 71 -21.59 -7.37 -32.14
N ILE A 72 -20.85 -6.92 -31.13
CA ILE A 72 -20.76 -7.63 -29.85
C ILE A 72 -22.16 -7.89 -29.27
N LYS A 73 -22.99 -6.85 -29.28
CA LYS A 73 -24.39 -6.93 -28.82
C LYS A 73 -25.21 -7.97 -29.58
N ARG A 74 -25.13 -7.94 -30.92
CA ARG A 74 -25.86 -8.90 -31.74
C ARG A 74 -25.39 -10.33 -31.50
N MET A 75 -24.10 -10.51 -31.26
CA MET A 75 -23.55 -11.83 -30.93
C MET A 75 -24.11 -12.38 -29.62
N GLU A 76 -24.32 -11.50 -28.64
CA GLU A 76 -25.02 -11.87 -27.41
C GLU A 76 -26.47 -12.27 -27.71
N ASP A 77 -27.15 -11.47 -28.53
CA ASP A 77 -28.52 -11.76 -28.98
C ASP A 77 -28.63 -13.13 -29.66
N ILE A 78 -27.61 -13.49 -30.43
CA ILE A 78 -27.58 -14.80 -31.10
C ILE A 78 -27.21 -15.90 -30.11
N GLY A 79 -26.23 -15.63 -29.25
CA GLY A 79 -25.77 -16.60 -28.26
C GLY A 79 -24.40 -17.18 -28.59
N LEU A 80 -23.55 -16.35 -29.20
CA LEU A 80 -22.22 -16.80 -29.63
C LEU A 80 -21.14 -15.87 -29.08
N GLU A 81 -19.99 -16.46 -28.78
CA GLU A 81 -18.88 -15.73 -28.21
C GLU A 81 -18.31 -14.73 -29.22
N ALA A 82 -18.17 -13.49 -28.76
CA ALA A 82 -17.51 -12.44 -29.51
C ALA A 82 -16.11 -12.25 -28.92
N LEU A 83 -15.10 -12.75 -29.63
CA LEU A 83 -13.73 -12.79 -29.09
C LEU A 83 -12.92 -11.53 -29.43
N GLY A 84 -11.85 -11.30 -28.66
CA GLY A 84 -10.95 -10.18 -28.91
C GLY A 84 -11.05 -9.07 -27.88
N MET A 85 -10.16 -8.10 -28.00
CA MET A 85 -10.08 -6.99 -27.07
C MET A 85 -11.18 -5.98 -27.36
N ASP A 86 -12.15 -5.93 -26.45
CA ASP A 86 -13.34 -5.08 -26.58
C ASP A 86 -13.10 -3.66 -26.06
N ASP A 87 -12.00 -3.46 -25.32
CA ASP A 87 -11.55 -2.13 -24.96
C ASP A 87 -10.65 -1.64 -26.09
N PHE A 88 -11.25 -0.88 -27.00
CA PHE A 88 -10.58 -0.54 -28.26
C PHE A 88 -9.34 0.32 -28.12
N LYS A 89 -9.28 1.14 -27.07
CA LYS A 89 -8.05 1.91 -26.87
C LYS A 89 -6.85 1.06 -26.49
N LEU A 90 -7.10 -0.09 -25.83
CA LEU A 90 -6.01 -1.02 -25.52
C LEU A 90 -5.52 -1.70 -26.78
N ALA A 91 -6.46 -2.05 -27.67
CA ALA A 91 -6.11 -2.60 -28.98
C ALA A 91 -5.33 -1.58 -29.80
N TYR A 92 -5.76 -0.32 -29.79
CA TYR A 92 -5.05 0.76 -30.48
C TYR A 92 -3.61 0.88 -29.98
N LEU A 93 -3.43 0.95 -28.67
CA LEU A 93 -2.07 1.04 -28.09
C LEU A 93 -1.19 -0.15 -28.49
N SER A 94 -1.79 -1.33 -28.52
CA SER A 94 -1.10 -2.56 -28.88
C SER A 94 -0.63 -2.54 -30.34
N ASP A 95 -1.50 -2.03 -31.23
CA ASP A 95 -1.17 -1.87 -32.65
C ASP A 95 -0.14 -0.76 -32.88
N THR A 96 -0.30 0.34 -32.17
CA THR A 96 0.53 1.53 -32.38
C THR A 96 1.91 1.39 -31.72
N TYR A 97 1.97 0.65 -30.61
CA TYR A 97 3.22 0.46 -29.89
C TYR A 97 3.57 -1.02 -29.76
N ASN A 98 3.89 -1.63 -30.89
CA ASN A 98 4.17 -3.06 -30.94
C ASN A 98 5.66 -3.35 -30.66
N TYR A 99 6.11 -2.86 -29.50
CA TYR A 99 7.46 -3.06 -29.00
C TYR A 99 7.47 -2.72 -27.51
N GLU A 100 8.51 -3.16 -26.80
CA GLU A 100 8.70 -2.78 -25.40
C GLU A 100 8.89 -1.26 -25.31
N ILE A 101 8.01 -0.59 -24.58
CA ILE A 101 8.04 0.87 -24.52
C ILE A 101 9.17 1.37 -23.64
N LYS A 102 10.00 2.23 -24.23
CA LYS A 102 11.05 2.92 -23.50
C LYS A 102 10.63 4.37 -23.39
N TYR A 103 10.20 4.76 -22.19
CA TYR A 103 9.67 6.10 -22.00
C TYR A 103 10.71 7.02 -21.37
N ASP A 104 10.55 8.30 -21.61
CA ASP A 104 11.41 9.32 -21.04
C ASP A 104 10.57 10.20 -20.14
N HIS A 105 10.72 10.02 -18.83
CA HIS A 105 9.93 10.77 -17.85
C HIS A 105 10.11 12.29 -17.96
N THR A 106 11.26 12.73 -18.48
CA THR A 106 11.54 14.17 -18.57
C THR A 106 10.65 14.89 -19.58
N LYS A 107 10.05 14.13 -20.49
CA LYS A 107 9.13 14.66 -21.51
C LYS A 107 7.66 14.56 -21.09
N ILE A 108 7.41 13.94 -19.95
CA ILE A 108 6.03 13.74 -19.49
C ILE A 108 5.70 14.87 -18.53
N ARG A 109 4.66 15.64 -18.86
CA ARG A 109 4.27 16.75 -18.02
C ARG A 109 3.50 16.26 -16.80
N VAL A 110 4.17 16.29 -15.65
CA VAL A 110 3.52 15.90 -14.39
C VAL A 110 3.20 17.16 -13.61
N ALA A 111 1.90 17.40 -13.40
CA ALA A 111 1.43 18.56 -12.67
C ALA A 111 0.90 18.18 -11.29
N ASN A 112 1.30 18.98 -10.31
CA ASN A 112 0.91 18.81 -8.91
C ASN A 112 0.27 20.13 -8.51
N PHE A 113 -1.01 20.13 -8.16
CA PHE A 113 -1.66 21.38 -7.77
C PHE A 113 -2.54 21.29 -6.52
N ASP A 114 -2.86 22.47 -5.96
CA ASP A 114 -3.70 22.59 -4.77
C ASP A 114 -4.43 23.92 -4.87
N ILE A 115 -5.68 23.95 -4.41
CA ILE A 115 -6.43 25.19 -4.40
C ILE A 115 -6.87 25.57 -2.99
N GLU A 116 -7.13 26.85 -2.78
CA GLU A 116 -7.74 27.32 -1.56
C GLU A 116 -9.06 27.98 -1.89
N VAL A 117 -10.03 27.79 -0.99
CA VAL A 117 -11.40 28.31 -1.11
C VAL A 117 -11.85 28.75 0.28
N THR A 118 -11.99 30.06 0.48
CA THR A 118 -12.51 30.59 1.73
C THR A 118 -14.01 30.32 1.79
N SER A 119 -14.46 29.73 2.90
CA SER A 119 -15.86 29.38 3.08
C SER A 119 -16.31 29.47 4.54
N PRO A 120 -17.15 30.47 4.87
CA PRO A 120 -17.63 30.65 6.24
C PRO A 120 -18.75 29.68 6.65
N ASP A 121 -19.55 29.23 5.69
CA ASP A 121 -20.73 28.41 5.98
C ASP A 121 -20.49 26.89 5.87
N GLY A 122 -19.29 26.45 6.22
CA GLY A 122 -18.97 25.02 6.23
C GLY A 122 -18.07 24.61 5.08
N PHE A 123 -17.92 23.30 4.91
CA PHE A 123 -17.08 22.74 3.86
C PHE A 123 -17.62 23.14 2.48
N PRO A 124 -16.74 23.71 1.63
CA PRO A 124 -17.15 24.12 0.28
C PRO A 124 -17.34 22.92 -0.66
N GLU A 125 -18.60 22.53 -0.86
CA GLU A 125 -18.92 21.37 -1.69
C GLU A 125 -18.56 21.59 -3.17
N PRO A 126 -17.73 20.69 -3.74
CA PRO A 126 -17.34 20.81 -5.14
C PRO A 126 -18.51 20.82 -6.13
N SER A 127 -19.58 20.09 -5.83
CA SER A 127 -20.73 20.03 -6.74
C SER A 127 -21.50 21.36 -6.78
N GLN A 128 -21.34 22.17 -5.72
CA GLN A 128 -21.98 23.48 -5.62
CA GLN A 128 -21.98 23.47 -5.65
C GLN A 128 -21.05 24.58 -6.12
N ALA A 129 -19.79 24.53 -5.68
CA ALA A 129 -18.76 25.54 -5.99
C ALA A 129 -19.26 26.99 -5.88
N LYS A 130 -19.86 27.33 -4.74
CA LYS A 130 -20.52 28.63 -4.59
C LYS A 130 -19.60 29.71 -4.03
N HIS A 131 -18.37 29.33 -3.66
CA HIS A 131 -17.39 30.27 -3.15
C HIS A 131 -16.21 30.47 -4.11
N PRO A 132 -15.66 31.71 -4.14
CA PRO A 132 -14.48 32.00 -4.97
C PRO A 132 -13.29 31.09 -4.71
N ILE A 133 -12.61 30.70 -5.78
CA ILE A 133 -11.28 30.09 -5.65
C ILE A 133 -10.32 31.26 -5.44
N ASP A 134 -9.66 31.29 -4.29
CA ASP A 134 -8.80 32.43 -3.97
C ASP A 134 -7.28 32.16 -3.96
N ALA A 135 -6.89 30.90 -4.16
CA ALA A 135 -5.49 30.57 -4.40
C ALA A 135 -5.36 29.29 -5.21
N ILE A 136 -4.43 29.29 -6.16
CA ILE A 136 -4.01 28.07 -6.85
C ILE A 136 -2.50 28.05 -6.92
N THR A 137 -1.89 26.97 -6.43
CA THR A 137 -0.48 26.70 -6.70
C THR A 137 -0.39 25.46 -7.55
N HIS A 138 0.32 25.57 -8.68
CA HIS A 138 0.36 24.53 -9.69
C HIS A 138 1.81 24.34 -10.07
N TYR A 139 2.37 23.20 -9.67
CA TYR A 139 3.75 22.87 -9.99
C TYR A 139 3.81 22.08 -11.29
N ASP A 140 4.74 22.47 -12.16
CA ASP A 140 4.92 21.81 -13.45
C ASP A 140 6.29 21.14 -13.46
N SER A 141 6.33 19.84 -13.75
CA SER A 141 7.57 19.07 -13.68
C SER A 141 8.57 19.40 -14.78
N ILE A 142 8.04 19.81 -15.94
CA ILE A 142 8.89 20.18 -17.07
C ILE A 142 9.56 21.54 -16.84
N ASP A 143 8.80 22.53 -16.38
CA ASP A 143 9.37 23.82 -16.03
C ASP A 143 10.15 23.79 -14.73
N ASP A 144 9.78 22.85 -13.83
CA ASP A 144 10.30 22.81 -12.46
C ASP A 144 9.99 24.14 -11.77
N ARG A 145 8.74 24.59 -11.89
CA ARG A 145 8.33 25.87 -11.30
C ARG A 145 6.98 25.73 -10.61
N PHE A 146 6.81 26.49 -9.53
CA PHE A 146 5.53 26.59 -8.81
C PHE A 146 4.85 27.86 -9.31
N TYR A 147 3.77 27.68 -10.06
CA TYR A 147 2.98 28.79 -10.56
C TYR A 147 1.88 29.12 -9.55
N VAL A 148 1.92 30.33 -9.01
CA VAL A 148 1.03 30.75 -7.92
C VAL A 148 0.05 31.79 -8.45
N PHE A 149 -1.25 31.48 -8.34
CA PHE A 149 -2.31 32.36 -8.79
C PHE A 149 -3.04 32.82 -7.52
N ASP A 150 -2.93 34.11 -7.21
CA ASP A 150 -3.36 34.65 -5.91
C ASP A 150 -4.46 35.69 -6.08
N LEU A 151 -5.63 35.45 -5.48
CA LEU A 151 -6.76 36.39 -5.58
C LEU A 151 -6.70 37.45 -4.47
N LEU A 152 -6.50 38.69 -4.88
CA LEU A 152 -6.36 39.80 -3.92
C LEU A 152 -7.68 40.43 -3.50
N ASN A 153 -8.70 40.31 -4.35
CA ASN A 153 -10.02 40.90 -4.09
C ASN A 153 -11.13 39.86 -4.12
N SER A 154 -11.86 39.77 -3.02
CA SER A 154 -12.90 38.76 -2.82
C SER A 154 -14.04 39.37 -2.01
N PRO A 155 -15.25 38.82 -2.14
CA PRO A 155 -16.33 39.21 -1.21
C PRO A 155 -16.02 38.82 0.25
N TYR A 156 -15.00 37.98 0.44
CA TYR A 156 -14.56 37.58 1.78
C TYR A 156 -13.35 38.35 2.28
N GLY A 157 -12.92 39.35 1.51
CA GLY A 157 -11.86 40.25 1.93
C GLY A 157 -10.94 40.67 0.80
N ASN A 158 -10.49 41.91 0.88
CA ASN A 158 -9.44 42.42 0.00
C ASN A 158 -8.11 42.43 0.73
N VAL A 159 -7.08 41.90 0.08
CA VAL A 159 -5.80 41.68 0.73
C VAL A 159 -4.63 42.27 -0.07
N GLU A 160 -3.47 42.35 0.60
CA GLU A 160 -2.23 42.77 -0.04
C GLU A 160 -1.53 41.59 -0.70
N GLU A 161 -0.65 41.88 -1.65
CA GLU A 161 0.15 40.85 -2.33
C GLU A 161 0.99 40.04 -1.35
N TRP A 162 1.16 38.76 -1.66
CA TRP A 162 2.05 37.89 -0.91
C TRP A 162 3.49 38.34 -1.14
N SER A 163 4.31 38.26 -0.10
CA SER A 163 5.71 38.66 -0.20
C SER A 163 6.64 37.45 -0.15
N ILE A 164 7.41 37.26 -1.21
CA ILE A 164 8.37 36.15 -1.27
C ILE A 164 9.50 36.33 -0.27
N GLU A 165 9.77 37.58 0.09
CA GLU A 165 10.80 37.93 1.08
C GLU A 165 10.43 37.43 2.47
N ILE A 166 9.22 37.74 2.91
CA ILE A 166 8.70 37.26 4.20
C ILE A 166 8.47 35.74 4.18
N ALA A 167 8.05 35.22 3.04
CA ALA A 167 7.88 33.78 2.87
C ALA A 167 9.16 33.00 3.19
N ALA A 168 10.29 33.52 2.73
CA ALA A 168 11.59 32.87 2.90
C ALA A 168 12.11 32.91 4.35
N LYS A 169 11.67 33.90 5.11
CA LYS A 169 12.21 34.15 6.46
C LYS A 169 11.83 33.05 7.45
N LEU A 170 12.66 32.85 8.46
CA LEU A 170 12.35 31.94 9.55
C LEU A 170 11.03 32.32 10.22
N GLN A 171 10.33 31.33 10.77
CA GLN A 171 9.10 31.63 11.52
C GLN A 171 9.40 32.48 12.75
N GLU A 172 10.64 32.40 13.24
CA GLU A 172 11.14 33.22 14.34
C GLU A 172 11.40 34.67 13.92
N GLN A 173 11.36 34.93 12.61
CA GLN A 173 11.46 36.29 12.06
C GLN A 173 10.09 36.81 11.66
N GLY A 174 9.05 36.03 11.91
CA GLY A 174 7.71 36.35 11.45
C GLY A 174 7.42 35.85 10.06
N GLY A 175 8.33 35.03 9.52
CA GLY A 175 8.18 34.49 8.17
C GLY A 175 7.47 33.16 8.11
N ASP A 176 7.44 32.55 6.93
CA ASP A 176 6.68 31.32 6.74
C ASP A 176 7.56 30.11 6.53
N GLU A 177 8.87 30.32 6.43
CA GLU A 177 9.86 29.27 6.23
C GLU A 177 9.59 28.40 5.00
N VAL A 178 9.18 29.04 3.90
CA VAL A 178 9.10 28.34 2.62
C VAL A 178 10.52 27.89 2.31
N PRO A 179 10.71 26.59 2.02
CA PRO A 179 12.06 26.03 1.88
C PRO A 179 12.88 26.78 0.86
N SER A 180 14.10 27.16 1.26
CA SER A 180 15.01 27.93 0.41
C SER A 180 15.21 27.29 -0.97
N GLU A 181 15.21 25.96 -1.04
CA GLU A 181 15.42 25.26 -2.30
C GLU A 181 14.29 25.45 -3.33
N ILE A 182 13.16 26.01 -2.93
CA ILE A 182 12.07 26.27 -3.89
C ILE A 182 11.77 27.76 -4.11
N ILE A 183 12.37 28.62 -3.30
CA ILE A 183 12.11 30.06 -3.37
C ILE A 183 12.32 30.62 -4.78
N ASP A 184 13.44 30.23 -5.41
CA ASP A 184 13.77 30.70 -6.75
C ASP A 184 12.93 30.04 -7.84
N LYS A 185 12.08 29.09 -7.45
CA LYS A 185 11.27 28.34 -8.41
C LYS A 185 9.79 28.78 -8.41
N ILE A 186 9.49 29.82 -7.64
CA ILE A 186 8.13 30.32 -7.52
C ILE A 186 7.86 31.45 -8.50
N ILE A 187 6.78 31.30 -9.26
CA ILE A 187 6.35 32.32 -10.20
C ILE A 187 4.99 32.81 -9.73
N TYR A 188 4.99 34.02 -9.18
CA TYR A 188 3.84 34.57 -8.45
C TYR A 188 3.02 35.52 -9.31
N MET A 189 1.73 35.25 -9.38
CA MET A 189 0.81 36.04 -10.21
C MET A 189 -0.39 36.48 -9.38
N PRO A 190 -0.42 37.75 -8.95
CA PRO A 190 -1.60 38.25 -8.21
C PRO A 190 -2.71 38.67 -9.16
N PHE A 191 -3.95 38.63 -8.69
CA PHE A 191 -5.11 38.97 -9.53
C PHE A 191 -6.11 39.87 -8.84
N ASP A 192 -6.56 40.85 -9.61
CA ASP A 192 -7.54 41.85 -9.22
C ASP A 192 -8.92 41.24 -8.97
N ASN A 193 -9.23 40.15 -9.68
CA ASN A 193 -10.54 39.52 -9.58
C ASN A 193 -10.52 38.05 -10.02
N GLU A 194 -11.51 37.29 -9.55
CA GLU A 194 -11.53 35.84 -9.76
C GLU A 194 -11.66 35.43 -11.23
N LYS A 195 -12.44 36.17 -12.01
CA LYS A 195 -12.62 35.88 -13.43
C LYS A 195 -11.29 35.97 -14.19
N GLU A 196 -10.53 37.03 -13.88
CA GLU A 196 -9.19 37.23 -14.40
C GLU A 196 -8.27 36.05 -14.02
N LEU A 197 -8.29 35.67 -12.74
CA LEU A 197 -7.49 34.55 -12.23
C LEU A 197 -7.78 33.26 -13.01
N LEU A 198 -9.07 32.95 -13.14
CA LEU A 198 -9.49 31.69 -13.76
C LEU A 198 -9.24 31.66 -15.26
N MET A 199 -9.42 32.79 -15.94
CA MET A 199 -9.14 32.87 -17.37
C MET A 199 -7.65 32.67 -17.66
N GLU A 200 -6.80 33.26 -16.83
CA GLU A 200 -5.36 33.11 -16.97
C GLU A 200 -4.93 31.67 -16.62
N TYR A 201 -5.52 31.10 -15.58
CA TYR A 201 -5.23 29.68 -15.25
C TYR A 201 -5.52 28.75 -16.41
N LEU A 202 -6.68 28.94 -17.06
CA LEU A 202 -7.06 28.14 -18.21
C LEU A 202 -6.13 28.33 -19.42
N ASN A 203 -5.68 29.58 -19.65
CA ASN A 203 -4.70 29.84 -20.72
C ASN A 203 -3.39 29.14 -20.40
N PHE A 204 -2.99 29.23 -19.14
CA PHE A 204 -1.80 28.55 -18.61
C PHE A 204 -1.93 27.03 -18.81
N TRP A 205 -3.08 26.48 -18.42
CA TRP A 205 -3.38 25.06 -18.53
C TRP A 205 -3.26 24.59 -19.98
N GLN A 206 -3.74 25.42 -20.91
CA GLN A 206 -3.68 25.11 -22.33
C GLN A 206 -2.25 25.09 -22.85
N GLN A 207 -1.40 25.99 -22.36
CA GLN A 207 0.00 26.01 -22.73
C GLN A 207 0.77 24.83 -22.12
N LYS A 208 0.42 24.50 -20.88
CA LYS A 208 1.15 23.48 -20.13
C LYS A 208 0.18 22.43 -19.63
N THR A 209 -0.40 21.69 -20.57
CA THR A 209 -1.46 20.75 -20.28
C THR A 209 -0.90 19.52 -19.58
N PRO A 210 -1.35 19.28 -18.34
CA PRO A 210 -0.86 18.13 -17.59
C PRO A 210 -1.13 16.84 -18.37
N VAL A 211 -0.20 15.90 -18.29
CA VAL A 211 -0.44 14.55 -18.74
C VAL A 211 -0.84 13.72 -17.53
N ILE A 212 0.02 13.75 -16.50
CA ILE A 212 -0.27 13.16 -15.20
C ILE A 212 -0.67 14.31 -14.29
N LEU A 213 -1.85 14.19 -13.69
CA LEU A 213 -2.32 15.24 -12.80
C LEU A 213 -2.47 14.65 -11.41
N THR A 214 -1.78 15.25 -10.45
CA THR A 214 -1.77 14.74 -9.10
C THR A 214 -1.86 15.87 -8.06
N GLY A 215 -1.71 15.51 -6.79
CA GLY A 215 -1.91 16.44 -5.68
C GLY A 215 -2.53 15.65 -4.56
N TRP A 216 -3.15 16.33 -3.60
CA TRP A 216 -3.75 15.64 -2.46
C TRP A 216 -5.25 15.89 -2.39
N ASN A 217 -6.03 14.83 -2.62
CA ASN A 217 -7.49 14.92 -2.77
C ASN A 217 -7.92 15.72 -3.99
N VAL A 218 -7.08 15.73 -5.03
CA VAL A 218 -7.43 16.44 -6.26
C VAL A 218 -8.64 15.85 -6.97
N GLU A 219 -8.79 14.53 -6.95
CA GLU A 219 -9.89 13.89 -7.67
C GLU A 219 -11.24 14.12 -6.98
N SER A 220 -11.22 14.17 -5.64
CA SER A 220 -12.45 14.34 -4.87
C SER A 220 -12.77 15.81 -4.58
N PHE A 221 -11.76 16.66 -4.56
CA PHE A 221 -11.97 18.09 -4.26
C PHE A 221 -11.49 19.08 -5.31
N ALA A 222 -10.17 19.18 -5.52
CA ALA A 222 -9.60 20.25 -6.34
C ALA A 222 -10.11 20.27 -7.79
N ILE A 223 -10.12 19.11 -8.45
CA ILE A 223 -10.59 19.02 -9.84
C ILE A 223 -12.09 19.33 -9.98
N PRO A 224 -12.97 18.64 -9.20
CA PRO A 224 -14.38 18.98 -9.37
C PRO A 224 -14.74 20.40 -8.92
N TYR A 225 -14.03 20.93 -7.92
CA TYR A 225 -14.28 22.32 -7.52
C TYR A 225 -13.92 23.32 -8.62
N VAL A 226 -12.72 23.20 -9.17
CA VAL A 226 -12.27 24.09 -10.24
C VAL A 226 -13.20 23.97 -11.45
N TYR A 227 -13.51 22.74 -11.85
CA TYR A 227 -14.40 22.50 -12.98
C TYR A 227 -15.77 23.15 -12.77
N ASN A 228 -16.39 22.89 -11.62
CA ASN A 228 -17.72 23.42 -11.31
C ASN A 228 -17.76 24.93 -11.12
N ARG A 229 -16.68 25.49 -10.55
CA ARG A 229 -16.58 26.94 -10.36
C ARG A 229 -16.48 27.70 -11.68
N ILE A 230 -15.61 27.23 -12.57
CA ILE A 230 -15.50 27.79 -13.92
C ILE A 230 -16.83 27.60 -14.66
N LYS A 231 -17.45 26.43 -14.51
CA LYS A 231 -18.75 26.17 -15.10
C LYS A 231 -19.81 27.17 -14.62
N ASN A 232 -19.81 27.45 -13.31
CA ASN A 232 -20.76 28.41 -12.74
C ASN A 232 -20.54 29.84 -13.22
N ILE A 233 -19.28 30.25 -13.31
CA ILE A 233 -18.94 31.62 -13.71
C ILE A 233 -19.05 31.84 -15.22
N PHE A 234 -18.58 30.87 -16.01
CA PHE A 234 -18.37 31.04 -17.45
C PHE A 234 -19.24 30.16 -18.33
N GLY A 235 -19.74 29.06 -17.79
CA GLY A 235 -20.51 28.10 -18.61
C GLY A 235 -19.70 26.84 -18.87
N GLU A 236 -20.38 25.78 -19.27
CA GLU A 236 -19.79 24.45 -19.44
C GLU A 236 -18.63 24.37 -20.43
N SER A 237 -18.74 25.09 -21.55
CA SER A 237 -17.75 24.99 -22.62
C SER A 237 -16.37 25.44 -22.15
N THR A 238 -16.37 26.49 -21.34
CA THR A 238 -15.14 27.02 -20.76
C THR A 238 -14.53 26.03 -19.76
N ALA A 239 -15.39 25.42 -18.93
CA ALA A 239 -14.94 24.41 -17.96
C ALA A 239 -14.30 23.21 -18.64
N LYS A 240 -14.81 22.85 -19.83
CA LYS A 240 -14.30 21.71 -20.58
C LYS A 240 -12.90 21.94 -21.18
N ARG A 241 -12.41 23.17 -21.11
CA ARG A 241 -11.05 23.47 -21.55
C ARG A 241 -9.99 22.81 -20.66
N LEU A 242 -10.43 22.30 -19.50
CA LEU A 242 -9.57 21.48 -18.65
C LEU A 242 -9.22 20.14 -19.28
N SER A 243 -10.02 19.70 -20.26
CA SER A 243 -9.70 18.57 -21.12
C SER A 243 -9.04 19.02 -22.42
N PRO A 244 -7.90 18.40 -22.78
CA PRO A 244 -7.27 18.76 -24.05
C PRO A 244 -8.13 18.42 -25.26
N HIS A 245 -9.09 17.51 -25.10
CA HIS A 245 -10.04 17.18 -26.17
C HIS A 245 -11.43 17.79 -25.95
N ARG A 246 -11.52 18.68 -24.96
CA ARG A 246 -12.78 19.38 -24.63
C ARG A 246 -13.93 18.41 -24.32
N LYS A 247 -13.61 17.28 -23.72
CA LYS A 247 -14.64 16.32 -23.34
C LYS A 247 -14.46 15.95 -21.88
N THR A 248 -15.55 16.03 -21.14
CA THR A 248 -15.58 15.64 -19.74
C THR A 248 -16.82 14.80 -19.51
N ARG A 249 -16.80 14.04 -18.42
CA ARG A 249 -17.97 13.27 -18.01
C ARG A 249 -18.03 13.28 -16.50
N VAL A 250 -19.21 13.58 -15.96
CA VAL A 250 -19.45 13.32 -14.55
C VAL A 250 -19.45 11.81 -14.35
N LYS A 251 -18.58 11.34 -13.46
CA LYS A 251 -18.51 9.91 -13.15
C LYS A 251 -18.99 9.64 -11.74
N VAL A 252 -19.96 8.74 -11.63
CA VAL A 252 -20.49 8.32 -10.33
C VAL A 252 -19.66 7.16 -9.76
N ILE A 253 -19.00 7.42 -8.64
CA ILE A 253 -18.20 6.42 -7.95
C ILE A 253 -19.05 5.77 -6.85
N GLU A 254 -19.37 4.49 -7.04
CA GLU A 254 -20.25 3.75 -6.12
C GLU A 254 -19.48 2.79 -5.22
N ASN A 255 -19.87 2.75 -3.95
CA ASN A 255 -19.40 1.71 -3.04
C ASN A 255 -20.56 1.04 -2.29
N MET A 256 -20.23 0.30 -1.24
CA MET A 256 -21.20 -0.47 -0.46
C MET A 256 -22.22 0.41 0.29
N TYR A 257 -21.80 1.62 0.66
CA TYR A 257 -22.56 2.49 1.56
C TYR A 257 -23.30 3.64 0.85
N GLY A 258 -22.76 4.10 -0.28
CA GLY A 258 -23.34 5.20 -1.03
C GLY A 258 -22.55 5.50 -2.29
N SER A 259 -22.67 6.74 -2.78
CA SER A 259 -21.94 7.16 -3.98
C SER A 259 -21.53 8.63 -3.97
N ARG A 260 -20.44 8.92 -4.69
CA ARG A 260 -19.94 10.29 -4.85
C ARG A 260 -19.62 10.54 -6.33
N GLU A 261 -19.48 11.82 -6.71
CA GLU A 261 -19.26 12.19 -8.10
C GLU A 261 -17.91 12.86 -8.36
N ILE A 262 -17.19 12.32 -9.34
CA ILE A 262 -15.94 12.93 -9.79
C ILE A 262 -16.09 13.38 -11.24
N ILE A 263 -15.16 14.21 -11.68
CA ILE A 263 -15.13 14.69 -13.05
C ILE A 263 -14.01 13.96 -13.79
N THR A 264 -14.36 13.35 -14.91
CA THR A 264 -13.37 12.69 -15.76
C THR A 264 -12.94 13.66 -16.85
N LEU A 265 -11.65 13.99 -16.86
CA LEU A 265 -11.10 14.85 -17.89
C LEU A 265 -10.47 13.98 -18.97
N PHE A 266 -11.15 13.85 -20.11
CA PHE A 266 -10.59 13.06 -21.22
C PHE A 266 -9.26 13.67 -21.66
N GLY A 267 -8.27 12.81 -21.86
CA GLY A 267 -6.94 13.25 -22.31
C GLY A 267 -6.00 13.63 -21.19
N ILE A 268 -6.44 13.43 -19.95
CA ILE A 268 -5.59 13.63 -18.76
C ILE A 268 -5.65 12.35 -17.92
N SER A 269 -4.51 11.98 -17.33
CA SER A 269 -4.45 10.85 -16.41
C SER A 269 -4.30 11.34 -14.97
N VAL A 270 -5.39 11.27 -14.22
CA VAL A 270 -5.41 11.76 -12.84
C VAL A 270 -4.95 10.63 -11.94
N LEU A 271 -3.84 10.88 -11.24
CA LEU A 271 -3.33 9.99 -10.22
C LEU A 271 -3.28 10.75 -8.90
N ASP A 272 -4.42 10.82 -8.21
CA ASP A 272 -4.51 11.52 -6.93
C ASP A 272 -3.51 10.88 -5.95
N TYR A 273 -2.65 11.69 -5.33
CA TYR A 273 -1.60 11.11 -4.48
C TYR A 273 -2.14 10.38 -3.25
N ILE A 274 -3.28 10.81 -2.71
CA ILE A 274 -3.91 10.08 -1.60
C ILE A 274 -4.24 8.63 -2.00
N ASP A 275 -4.73 8.44 -3.23
CA ASP A 275 -5.09 7.10 -3.72
C ASP A 275 -3.84 6.26 -4.06
N LEU A 276 -2.81 6.90 -4.62
CA LEU A 276 -1.51 6.24 -4.82
C LEU A 276 -0.95 5.78 -3.48
N TYR A 277 -0.99 6.68 -2.50
CA TYR A 277 -0.50 6.36 -1.16
C TYR A 277 -1.28 5.21 -0.52
N LYS A 278 -2.59 5.25 -0.62
CA LYS A 278 -3.43 4.20 -0.06
C LYS A 278 -3.19 2.82 -0.71
N LYS A 279 -3.01 2.80 -2.03
CA LYS A 279 -2.78 1.52 -2.72
C LYS A 279 -1.37 0.97 -2.52
N PHE A 280 -0.36 1.85 -2.57
CA PHE A 280 1.03 1.41 -2.74
C PHE A 280 1.95 1.54 -1.52
N SER A 281 1.50 2.24 -0.48
CA SER A 281 2.36 2.53 0.69
C SER A 281 2.46 1.42 1.74
N PHE A 282 1.49 0.50 1.75
CA PHE A 282 1.37 -0.53 2.78
C PHE A 282 1.44 0.01 4.22
N THR A 283 0.63 1.04 4.44
CA THR A 283 0.38 1.58 5.77
C THR A 283 -1.12 1.54 5.96
N ASN A 284 -1.56 1.64 7.21
CA ASN A 284 -2.93 2.06 7.48
C ASN A 284 -2.84 3.16 8.52
N GLN A 285 -3.23 4.36 8.10
CA GLN A 285 -3.01 5.55 8.91
C GLN A 285 -4.25 5.94 9.72
N PRO A 286 -4.04 6.52 10.92
CA PRO A 286 -5.17 7.03 11.69
C PRO A 286 -5.84 8.23 11.01
N SER A 287 -5.07 8.95 10.18
CA SER A 287 -5.60 10.09 9.42
C SER A 287 -4.86 10.22 8.09
N TYR A 288 -5.58 10.70 7.07
CA TYR A 288 -4.99 10.94 5.76
C TYR A 288 -4.98 12.42 5.35
N SER A 289 -4.95 13.31 6.33
CA SER A 289 -4.70 14.71 6.04
C SER A 289 -3.25 14.81 5.55
N LEU A 290 -2.98 15.80 4.69
CA LEU A 290 -1.63 15.99 4.18
C LEU A 290 -0.65 16.29 5.31
N ASP A 291 -1.07 17.10 6.28
CA ASP A 291 -0.25 17.39 7.45
C ASP A 291 0.15 16.12 8.20
N TYR A 292 -0.81 15.23 8.44
CA TYR A 292 -0.53 13.98 9.14
C TYR A 292 0.47 13.10 8.38
N ILE A 293 0.20 12.89 7.10
CA ILE A 293 1.05 12.04 6.25
C ILE A 293 2.42 12.67 6.07
N SER A 294 2.48 13.99 5.86
CA SER A 294 3.76 14.68 5.74
C SER A 294 4.60 14.52 6.99
N GLU A 295 3.98 14.61 8.17
CA GLU A 295 4.71 14.41 9.40
C GLU A 295 5.23 12.97 9.50
N PHE A 296 4.38 12.01 9.15
CA PHE A 296 4.76 10.60 9.19
C PHE A 296 5.91 10.28 8.21
N GLU A 297 5.78 10.75 6.97
CA GLU A 297 6.72 10.40 5.92
C GLU A 297 8.04 11.20 5.96
N LEU A 298 7.96 12.45 6.38
CA LEU A 298 9.07 13.40 6.21
C LEU A 298 9.61 13.99 7.51
N ASN A 299 8.89 13.78 8.61
CA ASN A 299 9.22 14.37 9.91
CA ASN A 299 9.21 14.36 9.90
C ASN A 299 9.26 15.89 9.85
N VAL A 300 8.37 16.48 9.06
CA VAL A 300 8.21 17.92 8.99
C VAL A 300 7.13 18.30 10.00
N GLY A 301 7.25 19.49 10.58
CA GLY A 301 6.28 19.96 11.57
C GLY A 301 4.96 20.33 10.94
N LYS A 302 3.88 20.19 11.71
CA LYS A 302 2.54 20.62 11.31
C LYS A 302 2.55 22.12 10.93
N LEU A 303 1.92 22.45 9.81
CA LEU A 303 1.83 23.84 9.34
C LEU A 303 0.91 24.64 10.26
N LYS A 304 1.53 25.45 11.12
CA LYS A 304 0.82 26.10 12.20
C LYS A 304 0.21 27.45 11.79
N TYR A 305 -1.04 27.65 12.17
CA TYR A 305 -1.72 28.94 12.01
C TYR A 305 -2.75 29.15 13.11
N ASP A 306 -3.09 30.41 13.37
CA ASP A 306 -4.06 30.79 14.40
C ASP A 306 -5.46 30.91 13.80
N GLY A 307 -6.46 30.50 14.57
CA GLY A 307 -7.86 30.64 14.19
C GLY A 307 -8.29 29.64 13.13
N PRO A 308 -9.57 29.69 12.71
CA PRO A 308 -10.06 28.73 11.72
C PRO A 308 -9.51 29.06 10.32
N ILE A 309 -9.43 28.03 9.47
CA ILE A 309 -8.95 28.18 8.10
C ILE A 309 -9.85 29.13 7.30
N SER A 310 -11.13 29.21 7.67
CA SER A 310 -12.10 30.08 7.03
C SER A 310 -11.83 31.57 7.29
N LYS A 311 -10.94 31.86 8.23
CA LYS A 311 -10.57 33.24 8.55
C LYS A 311 -9.09 33.51 8.31
N LEU A 312 -8.36 32.49 7.85
CA LEU A 312 -6.92 32.61 7.65
C LEU A 312 -6.55 33.60 6.55
N ARG A 313 -7.30 33.60 5.44
CA ARG A 313 -6.97 34.51 4.34
C ARG A 313 -7.11 35.97 4.79
N GLU A 314 -8.20 36.27 5.50
CA GLU A 314 -8.50 37.63 5.96
C GLU A 314 -7.52 38.10 7.04
N SER A 315 -7.18 37.22 7.98
CA SER A 315 -6.29 37.59 9.08
C SER A 315 -4.80 37.55 8.70
N ASN A 316 -4.42 36.58 7.86
CA ASN A 316 -3.00 36.38 7.51
C ASN A 316 -2.82 35.78 6.12
N HIS A 317 -3.14 36.57 5.10
CA HIS A 317 -3.04 36.17 3.70
C HIS A 317 -1.61 35.76 3.30
N GLN A 318 -0.62 36.45 3.87
CA GLN A 318 0.78 36.06 3.69
C GLN A 318 0.98 34.57 3.99
N ARG A 319 0.55 34.13 5.18
CA ARG A 319 0.67 32.74 5.59
C ARG A 319 -0.21 31.83 4.73
N TYR A 320 -1.39 32.34 4.40
CA TYR A 320 -2.38 31.62 3.60
C TYR A 320 -1.78 31.11 2.29
N ILE A 321 -1.11 32.00 1.58
CA ILE A 321 -0.47 31.66 0.32
C ILE A 321 0.75 30.76 0.54
N SER A 322 1.61 31.11 1.51
CA SER A 322 2.79 30.28 1.78
C SER A 322 2.41 28.84 2.07
N TYR A 323 1.34 28.64 2.83
CA TYR A 323 0.92 27.30 3.19
C TYR A 323 0.34 26.54 2.00
N ASN A 324 -0.33 27.27 1.11
CA ASN A 324 -0.79 26.69 -0.16
C ASN A 324 0.41 26.20 -1.00
N ILE A 325 1.46 27.01 -1.07
CA ILE A 325 2.68 26.64 -1.80
C ILE A 325 3.35 25.44 -1.13
N ILE A 326 3.45 25.47 0.20
CA ILE A 326 4.10 24.37 0.94
C ILE A 326 3.34 23.05 0.79
N ALA A 327 2.01 23.12 0.77
CA ALA A 327 1.19 21.92 0.55
C ALA A 327 1.51 21.22 -0.77
N VAL A 328 1.74 22.00 -1.82
CA VAL A 328 2.11 21.42 -3.11
C VAL A 328 3.49 20.77 -3.01
N TYR A 329 4.43 21.47 -2.35
CA TYR A 329 5.78 20.95 -2.20
C TYR A 329 5.83 19.66 -1.36
N ARG A 330 5.00 19.56 -0.33
CA ARG A 330 4.94 18.39 0.55
CA ARG A 330 5.03 18.38 0.51
C ARG A 330 4.66 17.11 -0.26
N VAL A 331 3.73 17.20 -1.20
CA VAL A 331 3.40 16.06 -2.05
C VAL A 331 4.61 15.66 -2.92
N LEU A 332 5.32 16.65 -3.44
CA LEU A 332 6.54 16.41 -4.23
C LEU A 332 7.62 15.72 -3.39
N GLN A 333 7.76 16.17 -2.14
CA GLN A 333 8.70 15.55 -1.21
C GLN A 333 8.33 14.11 -0.87
N ILE A 334 7.02 13.86 -0.67
CA ILE A 334 6.55 12.50 -0.43
C ILE A 334 6.86 11.61 -1.63
N ASP A 335 6.57 12.10 -2.85
CA ASP A 335 6.89 11.33 -4.06
C ASP A 335 8.39 11.11 -4.29
N ALA A 336 9.22 12.10 -3.95
CA ALA A 336 10.66 11.93 -4.04
C ALA A 336 11.14 10.77 -3.17
N LYS A 337 10.47 10.57 -2.04
CA LYS A 337 10.76 9.44 -1.15
C LYS A 337 10.14 8.13 -1.65
N ARG A 338 8.82 8.13 -1.81
CA ARG A 338 8.06 6.90 -2.08
C ARG A 338 8.08 6.49 -3.54
N GLN A 339 8.17 7.46 -4.44
CA GLN A 339 8.34 7.21 -5.88
C GLN A 339 7.17 6.45 -6.51
N PHE A 340 5.96 6.80 -6.06
CA PHE A 340 4.74 6.18 -6.61
C PHE A 340 4.43 6.60 -8.04
N ILE A 341 4.80 7.83 -8.43
CA ILE A 341 4.59 8.28 -9.82
C ILE A 341 5.46 7.45 -10.77
N ASN A 342 6.73 7.30 -10.41
CA ASN A 342 7.66 6.44 -11.15
C ASN A 342 7.12 5.01 -11.30
N LEU A 343 6.63 4.44 -10.20
CA LEU A 343 6.00 3.12 -10.20
C LEU A 343 4.84 3.03 -11.18
N SER A 344 3.96 4.03 -11.14
CA SER A 344 2.76 4.03 -11.98
C SER A 344 3.12 4.11 -13.48
N LEU A 345 4.11 4.94 -13.79
CA LEU A 345 4.62 5.08 -15.15
C LEU A 345 5.24 3.76 -15.63
N ASP A 346 6.14 3.19 -14.83
CA ASP A 346 6.73 1.88 -15.10
C ASP A 346 5.68 0.81 -15.42
N MET A 347 4.68 0.69 -14.54
CA MET A 347 3.63 -0.35 -14.64
C MET A 347 2.72 -0.10 -15.82
N GLY A 348 2.32 1.16 -15.98
CA GLY A 348 1.43 1.58 -17.06
C GLY A 348 2.02 1.33 -18.44
N TYR A 349 3.25 1.75 -18.65
CA TYR A 349 3.91 1.52 -19.93
C TYR A 349 4.23 0.05 -20.19
N TYR A 350 4.56 -0.68 -19.12
CA TYR A 350 4.79 -2.13 -19.22
C TYR A 350 3.56 -2.85 -19.77
N ALA A 351 2.39 -2.54 -19.20
CA ALA A 351 1.13 -3.20 -19.56
C ALA A 351 0.49 -2.62 -20.82
N LYS A 352 0.90 -1.41 -21.20
CA LYS A 352 0.29 -0.66 -22.32
C LYS A 352 -1.17 -0.29 -22.03
N ILE A 353 -1.35 0.37 -20.90
CA ILE A 353 -2.65 0.82 -20.43
C ILE A 353 -2.63 2.33 -20.21
N GLN A 354 -3.82 2.92 -20.08
CA GLN A 354 -3.90 4.28 -19.56
C GLN A 354 -3.20 4.27 -18.21
N ILE A 355 -2.38 5.28 -17.94
CA ILE A 355 -1.61 5.27 -16.70
C ILE A 355 -2.49 5.13 -15.45
N GLN A 356 -3.68 5.74 -15.46
CA GLN A 356 -4.54 5.71 -14.28
C GLN A 356 -5.13 4.32 -14.01
N SER A 357 -4.99 3.42 -14.99
CA SER A 357 -5.43 2.05 -14.80
C SER A 357 -4.53 1.22 -13.88
N VAL A 358 -3.38 1.75 -13.46
CA VAL A 358 -2.51 1.01 -12.54
C VAL A 358 -3.19 0.71 -11.20
N PHE A 359 -4.27 1.44 -10.89
CA PHE A 359 -5.06 1.17 -9.70
C PHE A 359 -5.79 -0.16 -9.79
N SER A 360 -5.96 -0.66 -11.01
CA SER A 360 -6.73 -1.87 -11.27
C SER A 360 -5.83 -2.99 -11.77
N PRO A 361 -5.51 -3.98 -10.91
CA PRO A 361 -4.71 -5.12 -11.39
C PRO A 361 -5.46 -5.96 -12.41
N ILE A 362 -6.80 -6.00 -12.33
CA ILE A 362 -7.59 -6.70 -13.34
C ILE A 362 -7.36 -6.09 -14.74
N LYS A 363 -7.45 -4.76 -14.83
CA LYS A 363 -7.19 -4.06 -16.09
C LYS A 363 -5.74 -4.23 -16.54
N THR A 364 -4.81 -4.13 -15.60
CA THR A 364 -3.38 -4.27 -15.88
C THR A 364 -3.07 -5.64 -16.47
N TRP A 365 -3.55 -6.70 -15.80
CA TRP A 365 -3.30 -8.05 -16.26
C TRP A 365 -4.04 -8.39 -17.55
N ASP A 366 -5.23 -7.82 -17.73
CA ASP A 366 -5.95 -8.01 -19.00
C ASP A 366 -5.09 -7.52 -20.15
N ALA A 367 -4.47 -6.36 -19.99
CA ALA A 367 -3.64 -5.77 -21.02
C ALA A 367 -2.32 -6.52 -21.23
N ILE A 368 -1.66 -6.91 -20.14
CA ILE A 368 -0.42 -7.69 -20.24
C ILE A 368 -0.67 -9.00 -21.01
N ILE A 369 -1.70 -9.72 -20.60
CA ILE A 369 -2.01 -11.03 -21.20
C ILE A 369 -2.48 -10.89 -22.65
N PHE A 370 -3.26 -9.84 -22.93
CA PHE A 370 -3.72 -9.56 -24.30
C PHE A 370 -2.56 -9.29 -25.24
N ASN A 371 -1.66 -8.39 -24.83
CA ASN A 371 -0.47 -8.09 -25.64
C ASN A 371 0.42 -9.31 -25.89
N SER A 372 0.58 -10.14 -24.86
CA SER A 372 1.37 -11.38 -24.94
C SER A 372 0.76 -12.38 -25.95
N LEU A 373 -0.55 -12.60 -25.85
CA LEU A 373 -1.23 -13.54 -26.75
C LEU A 373 -1.26 -13.03 -28.19
N LYS A 374 -1.51 -11.73 -28.36
CA LYS A 374 -1.50 -11.08 -29.67
C LYS A 374 -0.20 -11.31 -30.43
N GLU A 375 0.93 -11.28 -29.71
CA GLU A 375 2.24 -11.59 -30.30
C GLU A 375 2.32 -12.94 -31.02
N GLN A 376 1.49 -13.87 -30.57
CA GLN A 376 1.46 -15.23 -31.12
C GLN A 376 0.26 -15.42 -32.05
N ASN A 377 -0.37 -14.30 -32.43
CA ASN A 377 -1.62 -14.31 -33.20
C ASN A 377 -2.77 -15.07 -32.49
N LYS A 378 -2.71 -15.11 -31.17
CA LYS A 378 -3.77 -15.76 -30.41
C LYS A 378 -4.84 -14.76 -30.04
N VAL A 379 -6.05 -15.27 -29.80
CA VAL A 379 -7.24 -14.46 -29.62
C VAL A 379 -7.83 -14.67 -28.22
N ILE A 380 -8.04 -13.57 -27.49
CA ILE A 380 -8.51 -13.63 -26.12
C ILE A 380 -10.01 -13.95 -26.06
N PRO A 381 -10.45 -14.68 -25.01
CA PRO A 381 -11.88 -14.99 -24.94
C PRO A 381 -12.71 -13.78 -24.53
N GLN A 382 -14.02 -13.84 -24.78
CA GLN A 382 -14.93 -12.81 -24.31
C GLN A 382 -15.08 -12.90 -22.80
N GLY A 383 -15.14 -11.75 -22.14
CA GLY A 383 -15.49 -11.67 -20.73
C GLY A 383 -16.92 -12.13 -20.52
N ARG A 384 -17.15 -12.91 -19.47
CA ARG A 384 -18.45 -13.49 -19.17
C ARG A 384 -18.97 -13.10 -17.79
N SER A 385 -20.29 -13.24 -17.60
CA SER A 385 -20.93 -12.99 -16.33
C SER A 385 -20.76 -14.18 -15.40
N HIS A 386 -20.39 -13.91 -14.14
CA HIS A 386 -20.27 -14.97 -13.12
C HIS A 386 -20.88 -14.53 -11.79
N PRO A 387 -21.59 -15.44 -11.11
CA PRO A 387 -22.03 -15.15 -9.74
C PRO A 387 -20.85 -15.20 -8.77
N VAL A 388 -20.84 -14.30 -7.78
CA VAL A 388 -19.80 -14.30 -6.75
C VAL A 388 -19.96 -15.54 -5.87
N GLN A 389 -18.89 -16.31 -5.73
CA GLN A 389 -18.86 -17.50 -4.90
C GLN A 389 -17.65 -17.49 -3.98
N PRO A 390 -17.86 -17.84 -2.70
CA PRO A 390 -16.71 -17.97 -1.79
C PRO A 390 -15.86 -19.18 -2.17
N TYR A 391 -14.56 -19.11 -1.86
CA TYR A 391 -13.65 -20.24 -2.06
C TYR A 391 -12.58 -20.23 -0.97
N PRO A 392 -11.95 -21.40 -0.69
CA PRO A 392 -11.00 -21.51 0.41
C PRO A 392 -9.66 -20.84 0.15
N GLY A 393 -9.01 -20.41 1.22
CA GLY A 393 -7.73 -19.72 1.15
C GLY A 393 -6.62 -20.50 1.81
N ALA A 394 -5.80 -19.79 2.59
CA ALA A 394 -4.60 -20.38 3.16
C ALA A 394 -4.88 -21.17 4.43
N PHE A 395 -3.90 -21.98 4.83
CA PHE A 395 -3.91 -22.65 6.12
C PHE A 395 -3.11 -21.84 7.13
N VAL A 396 -3.65 -21.75 8.34
CA VAL A 396 -2.98 -21.12 9.47
C VAL A 396 -3.01 -22.11 10.66
N LYS A 397 -1.83 -22.44 11.19
CA LYS A 397 -1.72 -23.36 12.32
C LYS A 397 -2.15 -22.70 13.62
N GLU A 398 -2.91 -23.41 14.43
CA GLU A 398 -3.24 -22.93 15.78
C GLU A 398 -2.02 -23.11 16.69
N PRO A 399 -1.41 -22.00 17.16
CA PRO A 399 -0.27 -22.20 18.04
C PRO A 399 -0.71 -22.43 19.48
N ILE A 400 0.16 -23.08 20.27
CA ILE A 400 -0.04 -23.16 21.71
C ILE A 400 0.45 -21.81 22.28
N PRO A 401 -0.47 -21.05 22.91
CA PRO A 401 -0.03 -19.75 23.45
C PRO A 401 1.04 -19.99 24.51
N ASN A 402 2.15 -19.29 24.40
CA ASN A 402 3.31 -19.54 25.26
C ASN A 402 4.41 -18.56 24.93
N ARG A 403 5.37 -18.43 25.82
CA ARG A 403 6.66 -17.87 25.48
C ARG A 403 7.42 -18.88 24.63
N TYR A 404 8.23 -18.36 23.72
CA TYR A 404 9.10 -19.19 22.89
C TYR A 404 10.46 -18.51 22.83
N LYS A 405 11.45 -19.14 23.47
CA LYS A 405 12.73 -18.50 23.73
C LYS A 405 13.58 -18.29 22.47
N TYR A 406 13.94 -19.38 21.82
CA TYR A 406 14.72 -19.37 20.59
C TYR A 406 13.83 -19.80 19.43
N VAL A 407 13.74 -18.94 18.41
CA VAL A 407 12.89 -19.21 17.25
C VAL A 407 13.63 -18.91 15.95
N MET A 408 13.51 -19.82 14.99
CA MET A 408 14.02 -19.63 13.64
C MET A 408 12.86 -19.82 12.68
N SER A 409 12.62 -18.81 11.83
CA SER A 409 11.53 -18.91 10.87
C SER A 409 12.03 -19.16 9.46
N PHE A 410 11.15 -19.73 8.64
CA PHE A 410 11.45 -20.05 7.24
C PHE A 410 10.23 -19.67 6.41
N ASP A 411 10.46 -19.27 5.16
CA ASP A 411 9.41 -18.67 4.35
C ASP A 411 9.60 -18.98 2.86
N LEU A 412 8.50 -19.31 2.18
CA LEU A 412 8.54 -19.58 0.75
C LEU A 412 8.61 -18.30 -0.07
N THR A 413 9.51 -18.27 -1.05
CA THR A 413 9.67 -17.14 -1.94
C THR A 413 8.42 -16.99 -2.82
N SER A 414 7.86 -15.79 -2.81
CA SER A 414 6.74 -15.42 -3.69
C SER A 414 5.79 -16.61 -3.91
N LEU A 415 5.10 -17.03 -2.85
CA LEU A 415 4.42 -18.33 -2.88
C LEU A 415 3.40 -18.54 -3.99
N TYR A 416 2.35 -17.72 -4.02
CA TYR A 416 1.27 -17.94 -4.98
C TYR A 416 1.77 -17.88 -6.44
N PRO A 417 2.62 -16.88 -6.78
CA PRO A 417 3.20 -16.86 -8.13
C PRO A 417 4.12 -18.05 -8.41
N SER A 418 4.87 -18.50 -7.41
CA SER A 418 5.68 -19.71 -7.53
C SER A 418 4.82 -20.95 -7.75
N ILE A 419 3.65 -20.99 -7.12
CA ILE A 419 2.72 -22.11 -7.32
C ILE A 419 2.17 -22.11 -8.75
N ILE A 420 1.74 -20.93 -9.21
CA ILE A 420 1.28 -20.77 -10.59
C ILE A 420 2.32 -21.28 -11.60
N ARG A 421 3.59 -20.96 -11.36
CA ARG A 421 4.68 -21.36 -12.25
C ARG A 421 5.02 -22.86 -12.13
N GLN A 422 5.11 -23.34 -10.89
CA GLN A 422 5.43 -24.76 -10.62
C GLN A 422 4.38 -25.69 -11.21
N VAL A 423 3.12 -25.37 -10.95
CA VAL A 423 2.00 -26.22 -11.35
C VAL A 423 1.63 -25.99 -12.82
N ASN A 424 1.94 -24.80 -13.34
CA ASN A 424 1.58 -24.36 -14.70
C ASN A 424 0.09 -24.02 -14.83
N ILE A 425 -0.38 -23.21 -13.89
CA ILE A 425 -1.81 -22.87 -13.80
C ILE A 425 -2.15 -21.68 -14.69
N SER A 426 -3.10 -21.90 -15.60
CA SER A 426 -3.43 -20.90 -16.63
C SER A 426 -4.78 -21.33 -17.24
N PRO A 427 -5.57 -20.37 -17.78
CA PRO A 427 -6.81 -20.76 -18.43
C PRO A 427 -6.64 -21.86 -19.49
N GLU A 428 -5.56 -21.78 -20.27
CA GLU A 428 -5.43 -22.67 -21.43
C GLU A 428 -4.62 -23.95 -21.18
N THR A 429 -4.14 -24.12 -19.94
CA THR A 429 -3.34 -25.31 -19.61
C THR A 429 -4.11 -26.38 -18.85
N ILE A 430 -5.39 -26.14 -18.59
CA ILE A 430 -6.23 -27.11 -17.90
C ILE A 430 -6.33 -28.38 -18.75
N ALA A 431 -5.90 -29.50 -18.16
CA ALA A 431 -5.84 -30.80 -18.83
C ALA A 431 -7.00 -31.70 -18.42
N GLY A 432 -7.57 -31.44 -17.25
CA GLY A 432 -8.69 -32.23 -16.74
C GLY A 432 -8.68 -32.30 -15.23
N THR A 433 -9.30 -33.35 -14.69
CA THR A 433 -9.38 -33.51 -13.24
C THR A 433 -8.99 -34.92 -12.81
N PHE A 434 -8.70 -35.06 -11.53
CA PHE A 434 -8.51 -36.37 -10.92
C PHE A 434 -9.36 -36.47 -9.67
N LYS A 435 -9.58 -37.69 -9.21
CA LYS A 435 -10.40 -37.95 -8.03
C LYS A 435 -9.64 -37.61 -6.77
N VAL A 436 -10.14 -36.63 -6.03
CA VAL A 436 -9.42 -36.11 -4.86
C VAL A 436 -9.62 -36.93 -3.59
N ALA A 437 -8.54 -37.12 -2.87
CA ALA A 437 -8.54 -37.66 -1.53
C ALA A 437 -8.60 -36.47 -0.57
N PRO A 438 -8.94 -36.71 0.71
CA PRO A 438 -8.79 -35.64 1.71
C PRO A 438 -7.40 -35.02 1.66
N LEU A 439 -7.32 -33.72 1.88
CA LEU A 439 -6.04 -32.99 1.86
C LEU A 439 -5.00 -33.63 2.77
N HIS A 440 -5.45 -34.07 3.95
CA HIS A 440 -4.64 -34.79 4.95
CA HIS A 440 -4.55 -34.71 4.90
C HIS A 440 -3.84 -35.94 4.32
N ASP A 441 -4.49 -36.65 3.39
CA ASP A 441 -3.87 -37.78 2.73
C ASP A 441 -2.70 -37.39 1.80
N TYR A 442 -2.81 -36.24 1.15
CA TYR A 442 -1.69 -35.72 0.34
C TYR A 442 -0.58 -35.20 1.25
N ILE A 443 -0.96 -34.46 2.30
CA ILE A 443 0.00 -33.91 3.26
C ILE A 443 0.90 -35.00 3.85
N ASN A 444 0.31 -36.15 4.14
CA ASN A 444 1.03 -37.29 4.72
C ASN A 444 1.54 -38.29 3.69
N ALA A 445 1.36 -37.96 2.42
CA ALA A 445 1.86 -38.75 1.31
C ALA A 445 1.33 -40.20 1.29
N VAL A 446 0.07 -40.38 1.68
CA VAL A 446 -0.57 -41.70 1.60
C VAL A 446 -1.61 -41.82 0.48
N ALA A 447 -2.06 -40.68 -0.04
CA ALA A 447 -2.96 -40.70 -1.19
C ALA A 447 -2.25 -41.21 -2.44
N GLU A 448 -3.01 -41.82 -3.33
CA GLU A 448 -2.53 -42.24 -4.64
C GLU A 448 -1.98 -41.04 -5.41
N ARG A 449 -0.89 -41.25 -6.14
CA ARG A 449 -0.33 -40.19 -6.98
C ARG A 449 -1.39 -39.74 -7.99
N PRO A 450 -1.73 -38.42 -7.99
CA PRO A 450 -2.81 -37.88 -8.84
C PRO A 450 -2.66 -38.20 -10.34
N SER A 451 -1.46 -38.05 -10.90
CA SER A 451 -1.25 -38.24 -12.34
C SER A 451 0.19 -38.62 -12.69
N ASP A 452 0.33 -39.45 -13.71
CA ASP A 452 1.63 -39.78 -14.31
C ASP A 452 1.85 -39.04 -15.64
N VAL A 453 0.98 -38.08 -15.94
CA VAL A 453 1.02 -37.38 -17.22
C VAL A 453 1.03 -35.87 -17.03
N TYR A 454 0.18 -35.40 -16.12
CA TYR A 454 -0.08 -33.98 -15.95
C TYR A 454 0.38 -33.43 -14.62
N SER A 455 0.51 -32.11 -14.54
CA SER A 455 0.92 -31.42 -13.32
C SER A 455 -0.31 -31.10 -12.47
N CYS A 456 -0.24 -31.44 -11.17
CA CYS A 456 -1.43 -31.45 -10.33
C CYS A 456 -1.45 -30.53 -9.12
N SER A 457 -2.67 -30.12 -8.75
CA SER A 457 -2.95 -29.47 -7.48
C SER A 457 -3.92 -30.37 -6.72
N PRO A 458 -3.76 -30.44 -5.36
CA PRO A 458 -4.62 -31.30 -4.54
C PRO A 458 -6.10 -30.90 -4.49
N ASN A 459 -6.51 -29.87 -5.25
CA ASN A 459 -7.94 -29.57 -5.41
C ASN A 459 -8.58 -30.41 -6.50
N GLY A 460 -7.77 -31.22 -7.17
CA GLY A 460 -8.27 -32.12 -8.21
C GLY A 460 -7.95 -31.70 -9.62
N MET A 461 -7.26 -30.57 -9.78
CA MET A 461 -6.97 -30.06 -11.10
C MET A 461 -5.67 -30.59 -11.69
N MET A 462 -5.69 -30.81 -13.01
CA MET A 462 -4.51 -31.23 -13.77
C MET A 462 -4.20 -30.22 -14.87
N TYR A 463 -2.90 -30.03 -15.12
CA TYR A 463 -2.43 -29.07 -16.11
C TYR A 463 -1.38 -29.66 -17.05
N TYR A 464 -1.36 -29.16 -18.28
CA TYR A 464 -0.38 -29.59 -19.28
C TYR A 464 1.05 -29.33 -18.84
N LYS A 465 1.97 -30.19 -19.26
CA LYS A 465 3.38 -30.02 -18.94
C LYS A 465 4.24 -29.70 -20.18
N ASP A 466 3.63 -29.71 -21.36
CA ASP A 466 4.39 -29.58 -22.61
C ASP A 466 4.86 -28.14 -22.89
N ARG A 467 4.13 -27.17 -22.36
CA ARG A 467 4.39 -25.77 -22.65
C ARG A 467 3.85 -24.89 -21.52
N ASP A 468 4.56 -23.79 -21.25
CA ASP A 468 4.13 -22.81 -20.25
C ASP A 468 2.84 -22.14 -20.69
N GLY A 469 1.92 -21.97 -19.76
CA GLY A 469 0.72 -21.18 -20.01
C GLY A 469 1.07 -19.70 -20.06
N VAL A 470 0.16 -18.90 -20.61
CA VAL A 470 0.40 -17.45 -20.72
C VAL A 470 0.49 -16.80 -19.33
N VAL A 471 -0.29 -17.30 -18.37
CA VAL A 471 -0.25 -16.75 -17.00
C VAL A 471 1.11 -17.03 -16.33
N PRO A 472 1.57 -18.30 -16.32
CA PRO A 472 2.93 -18.55 -15.83
C PRO A 472 4.00 -17.75 -16.56
N THR A 473 3.90 -17.63 -17.89
CA THR A 473 4.90 -16.90 -18.66
C THR A 473 4.98 -15.43 -18.25
N GLU A 474 3.83 -14.78 -18.13
CA GLU A 474 3.78 -13.35 -17.85
C GLU A 474 4.01 -13.01 -16.40
N ILE A 475 3.60 -13.90 -15.50
CA ILE A 475 3.85 -13.69 -14.08
C ILE A 475 5.35 -13.83 -13.77
N THR A 476 6.03 -14.68 -14.54
CA THR A 476 7.47 -14.90 -14.38
C THR A 476 8.28 -13.65 -14.71
N LYS A 477 7.84 -12.93 -15.74
CA LYS A 477 8.50 -11.70 -16.16
C LYS A 477 8.48 -10.64 -15.05
N VAL A 478 7.31 -10.44 -14.43
CA VAL A 478 7.17 -9.46 -13.36
C VAL A 478 7.86 -9.92 -12.08
N PHE A 479 7.77 -11.23 -11.78
CA PHE A 479 8.52 -11.82 -10.67
C PHE A 479 10.02 -11.54 -10.76
N ASN A 480 10.60 -11.77 -11.94
CA ASN A 480 12.03 -11.49 -12.17
C ASN A 480 12.39 -10.01 -11.96
N GLN A 481 11.52 -9.10 -12.38
CA GLN A 481 11.72 -7.67 -12.12
C GLN A 481 11.71 -7.39 -10.63
N ARG A 482 10.75 -7.98 -9.93
CA ARG A 482 10.59 -7.81 -8.50
C ARG A 482 11.84 -8.28 -7.76
N LYS A 483 12.37 -9.43 -8.18
CA LYS A 483 13.57 -10.02 -7.59
C LYS A 483 14.78 -9.07 -7.61
N GLU A 484 14.96 -8.38 -8.74
CA GLU A 484 16.01 -7.38 -8.90
C GLU A 484 15.90 -6.24 -7.88
N HIS A 485 14.70 -5.68 -7.74
CA HIS A 485 14.50 -4.55 -6.83
C HIS A 485 14.57 -4.94 -5.35
N LYS A 486 14.13 -6.15 -5.05
CA LYS A 486 14.26 -6.67 -3.69
C LYS A 486 15.73 -6.79 -3.29
N GLY A 487 16.57 -7.22 -4.25
CA GLY A 487 18.02 -7.26 -4.05
C GLY A 487 18.61 -5.90 -3.72
N TYR A 488 18.17 -4.88 -4.45
CA TYR A 488 18.60 -3.50 -4.17
C TYR A 488 18.15 -3.06 -2.79
N MET A 489 16.91 -3.40 -2.43
CA MET A 489 16.34 -3.02 -1.15
C MET A 489 17.11 -3.65 0.01
N LEU A 490 17.40 -4.94 -0.09
CA LEU A 490 18.09 -5.65 0.97
C LEU A 490 19.55 -5.20 1.12
N ALA A 491 20.22 -4.91 0.00
CA ALA A 491 21.57 -4.37 0.01
C ALA A 491 21.61 -3.02 0.73
N ALA A 492 20.64 -2.16 0.42
CA ALA A 492 20.52 -0.85 1.08
C ALA A 492 20.26 -1.02 2.59
N GLN A 493 19.46 -2.02 2.93
CA GLN A 493 19.18 -2.33 4.32
C GLN A 493 20.46 -2.78 5.05
N ARG A 494 21.21 -3.70 4.44
CA ARG A 494 22.48 -4.17 5.02
C ARG A 494 23.48 -3.03 5.14
N ASN A 495 23.55 -2.19 4.11
CA ASN A 495 24.42 -1.02 4.10
C ASN A 495 24.10 -0.05 5.22
N GLY A 496 22.80 0.15 5.48
CA GLY A 496 22.35 0.98 6.59
C GLY A 496 22.83 0.48 7.95
N GLU A 497 22.85 -0.85 8.13
CA GLU A 497 23.32 -1.43 9.39
C GLU A 497 24.83 -1.23 9.61
N ILE A 498 25.60 -1.25 8.51
CA ILE A 498 27.03 -0.94 8.57
C ILE A 498 27.27 0.48 9.09
N ILE A 499 26.49 1.42 8.57
CA ILE A 499 26.60 2.83 8.98
C ILE A 499 26.19 3.00 10.45
N LYS A 500 25.11 2.32 10.84
CA LYS A 500 24.68 2.34 12.24
C LYS A 500 25.78 1.85 13.19
N GLU A 501 26.46 0.77 12.80
CA GLU A 501 27.61 0.24 13.55
C GLU A 501 28.71 1.27 13.71
N ALA A 502 29.07 1.91 12.60
CA ALA A 502 30.14 2.92 12.57
C ALA A 502 29.79 4.14 13.41
N LEU A 503 28.49 4.45 13.48
CA LEU A 503 27.98 5.57 14.26
C LEU A 503 28.24 5.46 15.76
N HIS A 504 28.57 4.25 16.24
CA HIS A 504 28.96 4.05 17.63
C HIS A 504 30.31 4.69 17.94
N ASN A 505 31.13 4.86 16.89
CA ASN A 505 32.46 5.47 17.02
C ASN A 505 32.76 6.54 15.97
N PRO A 506 32.02 7.67 16.00
CA PRO A 506 32.22 8.70 14.98
C PRO A 506 33.51 9.50 15.21
N ASN A 507 34.15 9.91 14.12
CA ASN A 507 35.40 10.66 14.20
C ASN A 507 35.17 12.16 14.36
N LEU A 508 36.08 12.81 15.08
CA LEU A 508 36.00 14.25 15.29
C LEU A 508 36.77 14.95 14.18
N SER A 509 36.07 15.22 13.08
CA SER A 509 36.66 15.83 11.88
C SER A 509 35.60 16.45 10.99
N VAL A 510 36.04 17.32 10.09
CA VAL A 510 35.16 17.87 9.05
C VAL A 510 35.41 17.10 7.76
N ASP A 511 34.36 16.50 7.22
CA ASP A 511 34.45 15.71 6.00
C ASP A 511 33.11 15.66 5.24
N GLU A 512 33.04 14.78 4.25
CA GLU A 512 31.87 14.66 3.39
C GLU A 512 31.36 13.21 3.35
N PRO A 513 30.06 13.01 3.09
CA PRO A 513 29.58 11.65 2.83
C PRO A 513 30.21 11.10 1.56
N LEU A 514 30.45 9.80 1.52
CA LEU A 514 30.99 9.12 0.34
C LEU A 514 29.96 9.09 -0.79
N ASP A 515 30.43 9.20 -2.02
CA ASP A 515 29.57 9.05 -3.19
C ASP A 515 29.47 7.57 -3.56
N VAL A 516 28.43 6.92 -3.05
CA VAL A 516 28.28 5.48 -3.23
C VAL A 516 26.89 5.13 -3.80
N ASP A 517 26.79 3.94 -4.37
CA ASP A 517 25.50 3.40 -4.78
C ASP A 517 25.01 2.44 -3.70
N TYR A 518 24.00 2.86 -2.96
CA TYR A 518 23.51 2.11 -1.81
C TYR A 518 22.77 0.82 -2.17
N ARG A 519 22.52 0.62 -3.46
CA ARG A 519 21.80 -0.57 -3.94
C ARG A 519 22.70 -1.80 -4.01
N PHE A 520 24.00 -1.60 -3.77
CA PHE A 520 24.99 -2.68 -3.81
C PHE A 520 25.79 -2.69 -2.50
N ASP A 521 26.04 -3.89 -1.99
CA ASP A 521 26.81 -4.07 -0.75
C ASP A 521 28.13 -3.31 -0.80
N PHE A 522 28.42 -2.58 0.27
CA PHE A 522 29.63 -1.77 0.37
C PHE A 522 30.86 -2.66 0.27
N SER A 523 31.82 -2.20 -0.53
CA SER A 523 33.11 -2.85 -0.65
C SER A 523 33.91 -2.69 0.63
N ASP A 524 35.00 -3.44 0.73
CA ASP A 524 35.93 -3.31 1.86
C ASP A 524 36.51 -1.91 1.97
N GLU A 525 36.81 -1.28 0.83
CA GLU A 525 37.37 0.06 0.81
C GLU A 525 36.38 1.09 1.34
N ILE A 526 35.11 0.98 0.90
CA ILE A 526 34.06 1.85 1.42
C ILE A 526 33.90 1.66 2.93
N LYS A 527 33.85 0.41 3.37
CA LYS A 527 33.78 0.07 4.79
C LYS A 527 34.92 0.72 5.59
N GLU A 528 36.13 0.65 5.07
CA GLU A 528 37.29 1.27 5.73
C GLU A 528 37.13 2.79 5.87
N LYS A 529 36.68 3.44 4.81
CA LYS A 529 36.46 4.90 4.81
C LYS A 529 35.34 5.33 5.77
N ILE A 530 34.27 4.54 5.80
CA ILE A 530 33.14 4.75 6.72
C ILE A 530 33.59 4.82 8.19
N LYS A 531 34.51 3.94 8.56
CA LYS A 531 35.05 3.87 9.93
C LYS A 531 35.85 5.11 10.34
N LYS A 532 36.15 5.98 9.36
CA LYS A 532 36.92 7.19 9.62
C LYS A 532 36.08 8.47 9.51
N LEU A 533 34.77 8.31 9.28
CA LEU A 533 33.90 9.46 9.05
C LEU A 533 33.30 10.07 10.32
N SER A 534 32.97 11.36 10.23
CA SER A 534 32.27 12.10 11.28
C SER A 534 30.83 11.62 11.43
N ALA A 535 30.20 11.95 12.55
CA ALA A 535 28.79 11.63 12.78
C ALA A 535 27.87 12.36 11.79
N LYS A 536 28.23 13.59 11.42
CA LYS A 536 27.47 14.37 10.45
C LYS A 536 27.43 13.66 9.09
N SER A 537 28.60 13.24 8.61
CA SER A 537 28.69 12.53 7.34
C SER A 537 28.02 11.16 7.38
N LEU A 538 28.24 10.41 8.47
CA LEU A 538 27.61 9.09 8.65
C LEU A 538 26.10 9.18 8.66
N ASN A 539 25.55 10.18 9.36
CA ASN A 539 24.11 10.36 9.45
C ASN A 539 23.50 10.72 8.10
N GLU A 540 24.25 11.47 7.30
CA GLU A 540 23.80 11.81 5.96
C GLU A 540 23.79 10.56 5.07
N MET A 541 24.82 9.74 5.20
CA MET A 541 24.87 8.45 4.48
C MET A 541 23.74 7.50 4.92
N LEU A 542 23.40 7.51 6.20
CA LEU A 542 22.32 6.68 6.73
C LEU A 542 20.97 7.11 6.15
N PHE A 543 20.70 8.41 6.17
CA PHE A 543 19.51 8.97 5.53
C PHE A 543 19.41 8.53 4.06
N ARG A 544 20.53 8.64 3.34
CA ARG A 544 20.58 8.24 1.93
C ARG A 544 20.39 6.74 1.72
N ALA A 545 21.03 5.94 2.57
CA ALA A 545 20.84 4.48 2.55
C ALA A 545 19.38 4.13 2.78
N GLN A 546 18.76 4.79 3.75
CA GLN A 546 17.35 4.55 4.08
C GLN A 546 16.40 5.00 2.96
N ARG A 547 16.73 6.10 2.29
CA ARG A 547 15.97 6.53 1.12
C ARG A 547 16.08 5.53 -0.05
N THR A 548 17.28 5.01 -0.28
CA THR A 548 17.49 3.95 -1.27
C THR A 548 16.67 2.69 -0.94
N GLU A 549 16.67 2.28 0.34
CA GLU A 549 15.85 1.17 0.82
C GLU A 549 14.37 1.38 0.54
N VAL A 550 13.86 2.57 0.85
CA VAL A 550 12.45 2.92 0.57
C VAL A 550 12.11 2.83 -0.93
N ALA A 551 12.99 3.37 -1.77
CA ALA A 551 12.80 3.30 -3.23
C ALA A 551 12.75 1.85 -3.71
N GLY A 552 13.69 1.04 -3.21
CA GLY A 552 13.71 -0.40 -3.49
C GLY A 552 12.43 -1.09 -3.00
N MET A 553 11.98 -0.72 -1.81
CA MET A 553 10.76 -1.25 -1.22
C MET A 553 9.53 -0.95 -2.07
N THR A 554 9.37 0.31 -2.48
CA THR A 554 8.28 0.66 -3.40
C THR A 554 8.32 -0.21 -4.65
N ALA A 555 9.49 -0.30 -5.29
CA ALA A 555 9.62 -1.04 -6.54
C ALA A 555 9.32 -2.54 -6.37
N GLN A 556 9.83 -3.14 -5.31
CA GLN A 556 9.67 -4.58 -5.11
C GLN A 556 8.31 -5.00 -4.54
N ILE A 557 7.84 -4.28 -3.51
CA ILE A 557 6.61 -4.69 -2.83
C ILE A 557 5.39 -4.50 -3.74
N ASN A 558 5.46 -3.56 -4.66
CA ASN A 558 4.32 -3.32 -5.52
C ASN A 558 4.32 -4.20 -6.76
N ARG A 559 5.49 -4.71 -7.11
CA ARG A 559 5.56 -5.76 -8.13
C ARG A 559 5.09 -7.08 -7.53
N LYS A 560 5.45 -7.32 -6.27
CA LYS A 560 4.86 -8.40 -5.48
C LYS A 560 3.33 -8.26 -5.44
N LEU A 561 2.85 -7.06 -5.16
CA LEU A 561 1.41 -6.81 -5.16
C LEU A 561 0.75 -7.16 -6.49
N LEU A 562 1.35 -6.74 -7.60
CA LEU A 562 0.81 -7.03 -8.93
C LEU A 562 0.71 -8.55 -9.18
N ILE A 563 1.79 -9.28 -8.91
CA ILE A 563 1.77 -10.74 -9.17
C ILE A 563 0.82 -11.50 -8.23
N ASN A 564 0.81 -11.14 -6.95
CA ASN A 564 -0.18 -11.71 -6.02
C ASN A 564 -1.61 -11.39 -6.44
N SER A 565 -1.83 -10.19 -7.01
CA SER A 565 -3.16 -9.78 -7.46
C SER A 565 -3.62 -10.57 -8.68
N LEU A 566 -2.70 -11.16 -9.42
CA LEU A 566 -3.07 -12.08 -10.50
C LEU A 566 -3.67 -13.38 -9.93
N ALA A 567 -3.02 -13.95 -8.91
CA ALA A 567 -3.57 -15.09 -8.17
C ALA A 567 -4.97 -14.78 -7.61
N GLY A 568 -5.13 -13.59 -7.06
CA GLY A 568 -6.43 -13.12 -6.59
C GLY A 568 -7.44 -12.81 -7.69
N ALA A 569 -6.97 -12.27 -8.81
CA ALA A 569 -7.87 -11.92 -9.92
C ALA A 569 -8.55 -13.15 -10.51
N LEU A 570 -7.87 -14.30 -10.46
CA LEU A 570 -8.49 -15.56 -10.91
C LEU A 570 -9.75 -15.87 -10.10
N GLY A 571 -9.86 -15.28 -8.91
CA GLY A 571 -11.05 -15.41 -8.06
C GLY A 571 -11.96 -14.19 -8.03
N ASN A 572 -11.79 -13.29 -9.01
CA ASN A 572 -12.69 -12.13 -9.15
C ASN A 572 -13.53 -12.23 -10.42
N VAL A 573 -14.85 -12.12 -10.26
CA VAL A 573 -15.79 -12.38 -11.37
C VAL A 573 -15.66 -11.43 -12.58
N TRP A 574 -15.04 -10.27 -12.39
CA TRP A 574 -14.84 -9.31 -13.47
C TRP A 574 -13.57 -9.55 -14.29
N PHE A 575 -12.70 -10.45 -13.81
CA PHE A 575 -11.48 -10.81 -14.55
C PHE A 575 -11.83 -11.67 -15.75
N ARG A 576 -11.27 -11.35 -16.92
CA ARG A 576 -11.53 -12.10 -18.14
C ARG A 576 -11.24 -13.59 -17.96
N TYR A 577 -10.23 -13.89 -17.16
CA TYR A 577 -9.77 -15.27 -16.92
C TYR A 577 -10.21 -15.82 -15.55
N TYR A 578 -11.29 -15.27 -15.01
CA TYR A 578 -11.90 -15.80 -13.78
C TYR A 578 -12.14 -17.29 -13.91
N ASP A 579 -11.65 -18.05 -12.95
CA ASP A 579 -11.88 -19.49 -12.89
C ASP A 579 -11.59 -19.96 -11.48
N LEU A 580 -12.66 -20.32 -10.75
CA LEU A 580 -12.51 -20.79 -9.38
C LEU A 580 -11.70 -22.08 -9.26
N ARG A 581 -11.69 -22.88 -10.33
CA ARG A 581 -10.84 -24.07 -10.37
C ARG A 581 -9.36 -23.68 -10.26
N ASN A 582 -8.97 -22.64 -10.98
CA ASN A 582 -7.59 -22.14 -10.95
C ASN A 582 -7.26 -21.37 -9.66
N ALA A 583 -8.19 -20.53 -9.19
CA ALA A 583 -7.96 -19.76 -7.96
C ALA A 583 -7.80 -20.72 -6.78
N THR A 584 -8.66 -21.74 -6.75
CA THR A 584 -8.61 -22.77 -5.70
C THR A 584 -7.42 -23.72 -5.86
N ALA A 585 -7.01 -23.99 -7.10
CA ALA A 585 -5.81 -24.80 -7.33
C ALA A 585 -4.60 -24.20 -6.62
N ILE A 586 -4.48 -22.87 -6.69
CA ILE A 586 -3.40 -22.13 -6.02
C ILE A 586 -3.48 -22.24 -4.49
N THR A 587 -4.64 -21.89 -3.93
CA THR A 587 -4.77 -21.82 -2.46
C THR A 587 -4.67 -23.20 -1.80
N THR A 588 -5.22 -24.22 -2.45
CA THR A 588 -5.21 -25.58 -1.90
C THR A 588 -3.80 -26.18 -1.95
N PHE A 589 -3.09 -25.96 -3.06
CA PHE A 589 -1.68 -26.35 -3.17
C PHE A 589 -0.86 -25.71 -2.05
N GLY A 590 -1.10 -24.43 -1.80
CA GLY A 590 -0.44 -23.70 -0.70
C GLY A 590 -0.67 -24.34 0.66
N GLN A 591 -1.91 -24.75 0.92
CA GLN A 591 -2.27 -25.44 2.16
C GLN A 591 -1.48 -26.72 2.31
N MET A 592 -1.42 -27.49 1.23
CA MET A 592 -0.65 -28.72 1.21
C MET A 592 0.83 -28.44 1.44
N ALA A 593 1.39 -27.48 0.70
CA ALA A 593 2.83 -27.15 0.78
C ALA A 593 3.27 -26.84 2.21
N LEU A 594 2.50 -25.99 2.89
CA LEU A 594 2.81 -25.61 4.25
C LEU A 594 2.78 -26.82 5.21
N GLN A 595 1.70 -27.59 5.16
CA GLN A 595 1.55 -28.71 6.10
C GLN A 595 2.47 -29.88 5.76
N TRP A 596 2.76 -30.05 4.46
CA TRP A 596 3.75 -31.01 3.99
C TRP A 596 5.11 -30.72 4.61
N ILE A 597 5.56 -29.48 4.48
CA ILE A 597 6.89 -29.12 4.99
C ILE A 597 6.96 -29.07 6.51
N GLU A 598 5.84 -28.77 7.17
CA GLU A 598 5.76 -28.87 8.62
C GLU A 598 6.10 -30.30 9.06
N ARG A 599 5.45 -31.27 8.41
CA ARG A 599 5.71 -32.70 8.66
C ARG A 599 7.19 -33.04 8.43
N LYS A 600 7.73 -32.58 7.30
CA LYS A 600 9.13 -32.86 6.94
C LYS A 600 10.14 -32.25 7.91
N VAL A 601 9.87 -31.03 8.37
CA VAL A 601 10.77 -30.37 9.31
C VAL A 601 10.71 -31.07 10.67
N ASN A 602 9.50 -31.43 11.11
CA ASN A 602 9.35 -32.17 12.36
C ASN A 602 10.07 -33.51 12.31
N GLU A 603 9.93 -34.21 11.19
CA GLU A 603 10.62 -35.50 10.97
C GLU A 603 12.14 -35.33 10.99
N TYR A 604 12.65 -34.36 10.24
CA TYR A 604 14.08 -34.10 10.19
C TYR A 604 14.67 -33.80 11.58
N LEU A 605 14.03 -32.89 12.32
CA LEU A 605 14.57 -32.47 13.60
C LEU A 605 14.42 -33.53 14.69
N ASN A 606 13.31 -34.28 14.68
CA ASN A 606 13.15 -35.42 15.57
C ASN A 606 14.25 -36.46 15.36
N GLU A 607 14.68 -36.61 14.11
CA GLU A 607 15.80 -37.49 13.74
C GLU A 607 17.14 -37.01 14.32
N VAL A 608 17.50 -35.75 14.05
CA VAL A 608 18.79 -35.21 14.53
C VAL A 608 18.88 -35.16 16.06
N CYS A 609 17.74 -34.98 16.73
CA CYS A 609 17.67 -34.93 18.19
C CYS A 609 17.41 -36.29 18.81
N GLY A 610 17.13 -37.29 17.97
CA GLY A 610 16.88 -38.65 18.42
C GLY A 610 15.62 -38.81 19.27
N THR A 611 14.58 -38.04 18.93
CA THR A 611 13.30 -38.08 19.66
C THR A 611 12.17 -38.59 18.78
N GLU A 612 10.94 -38.54 19.30
CA GLU A 612 9.77 -38.97 18.55
C GLU A 612 8.52 -38.15 18.90
N GLY A 613 7.83 -37.69 17.86
CA GLY A 613 6.56 -36.98 18.02
C GLY A 613 6.65 -35.57 18.56
N GLU A 614 7.87 -35.07 18.76
CA GLU A 614 8.09 -33.72 19.29
C GLU A 614 7.75 -32.65 18.25
N ALA A 615 6.94 -31.67 18.64
CA ALA A 615 6.53 -30.61 17.74
C ALA A 615 7.55 -29.47 17.71
N PHE A 616 8.45 -29.49 16.72
CA PHE A 616 9.43 -28.42 16.54
C PHE A 616 8.82 -27.20 15.84
N VAL A 617 7.90 -27.44 14.92
CA VAL A 617 7.20 -26.35 14.24
C VAL A 617 6.08 -25.90 15.17
N LEU A 618 6.19 -24.67 15.68
CA LEU A 618 5.24 -24.17 16.66
C LEU A 618 4.09 -23.41 16.00
N TYR A 619 4.31 -22.99 14.76
CA TYR A 619 3.38 -22.09 14.09
C TYR A 619 3.68 -21.98 12.60
N GLY A 620 2.65 -21.67 11.85
CA GLY A 620 2.78 -21.41 10.43
C GLY A 620 1.55 -20.69 9.95
N ASP A 621 1.74 -19.82 8.97
CA ASP A 621 0.64 -19.07 8.37
C ASP A 621 0.94 -18.93 6.88
N THR A 622 0.14 -19.63 6.07
CA THR A 622 0.18 -19.56 4.60
C THR A 622 1.43 -20.20 3.97
N ASP A 623 2.61 -19.61 4.20
CA ASP A 623 3.83 -20.02 3.51
C ASP A 623 5.08 -19.99 4.41
N SER A 624 4.86 -19.93 5.71
CA SER A 624 5.96 -19.69 6.64
C SER A 624 5.83 -20.67 7.79
N ILE A 625 6.97 -21.14 8.29
CA ILE A 625 6.98 -21.96 9.49
C ILE A 625 7.89 -21.32 10.54
N TYR A 626 7.52 -21.49 11.80
CA TYR A 626 8.32 -21.01 12.92
C TYR A 626 8.76 -22.20 13.75
N VAL A 627 10.08 -22.35 13.88
CA VAL A 627 10.68 -23.54 14.47
C VAL A 627 11.32 -23.18 15.80
N SER A 628 10.95 -23.93 16.84
CA SER A 628 11.57 -23.80 18.15
C SER A 628 13.02 -24.29 18.07
N ALA A 629 13.96 -23.40 18.40
CA ALA A 629 15.39 -23.71 18.33
C ALA A 629 16.04 -23.97 19.70
N ASP A 630 15.23 -24.03 20.76
CA ASP A 630 15.73 -24.24 22.13
C ASP A 630 16.63 -25.48 22.24
N LYS A 631 16.15 -26.60 21.69
CA LYS A 631 16.88 -27.86 21.79
C LYS A 631 18.19 -27.82 21.02
N ILE A 632 18.24 -27.01 19.96
CA ILE A 632 19.45 -26.83 19.16
C ILE A 632 20.48 -26.04 19.95
N ILE A 633 20.05 -24.94 20.58
CA ILE A 633 20.93 -24.14 21.43
C ILE A 633 21.43 -24.97 22.61
N ASP A 634 20.52 -25.70 23.25
CA ASP A 634 20.86 -26.51 24.42
C ASP A 634 21.84 -27.64 24.11
N LYS A 635 21.88 -28.07 22.85
CA LYS A 635 22.79 -29.12 22.40
C LYS A 635 24.26 -28.72 22.49
N VAL A 636 24.56 -27.43 22.32
CA VAL A 636 25.91 -26.96 22.58
C VAL A 636 26.01 -26.35 23.98
N GLY A 637 24.91 -25.75 24.45
CA GLY A 637 24.85 -25.16 25.78
C GLY A 637 25.08 -23.66 25.74
N GLU A 638 24.17 -22.90 26.37
CA GLU A 638 24.23 -21.44 26.38
C GLU A 638 25.56 -20.88 26.90
N SER A 639 26.14 -21.56 27.89
CA SER A 639 27.41 -21.13 28.50
C SER A 639 28.61 -21.23 27.56
N LYS A 640 28.45 -21.95 26.44
CA LYS A 640 29.51 -22.13 25.46
C LYS A 640 29.65 -20.96 24.48
N PHE A 641 28.64 -20.08 24.43
CA PHE A 641 28.66 -18.95 23.49
C PHE A 641 29.32 -17.72 24.08
N ARG A 642 30.12 -17.04 23.27
CA ARG A 642 30.86 -15.85 23.71
C ARG A 642 29.93 -14.66 23.91
N ASP A 643 28.98 -14.48 22.99
CA ASP A 643 28.02 -13.39 23.04
C ASP A 643 26.77 -13.73 22.20
N THR A 644 25.81 -12.81 22.16
CA THR A 644 24.59 -13.02 21.38
C THR A 644 24.90 -13.36 19.92
N ASN A 645 25.77 -12.57 19.30
CA ASN A 645 26.12 -12.75 17.89
C ASN A 645 26.65 -14.15 17.58
N HIS A 646 27.32 -14.76 18.57
CA HIS A 646 27.88 -16.10 18.43
C HIS A 646 26.79 -17.17 18.22
N TRP A 647 25.76 -17.19 19.05
CA TRP A 647 24.65 -18.15 18.84
C TRP A 647 23.79 -17.83 17.62
N VAL A 648 23.70 -16.55 17.25
CA VAL A 648 22.97 -16.15 16.04
C VAL A 648 23.69 -16.71 14.82
N ASP A 649 25.02 -16.56 14.79
CA ASP A 649 25.87 -17.15 13.75
C ASP A 649 25.68 -18.66 13.68
N PHE A 650 25.61 -19.29 14.86
CA PHE A 650 25.46 -20.73 14.95
C PHE A 650 24.13 -21.19 14.35
N LEU A 651 23.04 -20.54 14.75
CA LEU A 651 21.72 -20.83 14.20
C LEU A 651 21.62 -20.54 12.71
N ASP A 652 22.29 -19.46 12.27
CA ASP A 652 22.35 -19.11 10.84
C ASP A 652 22.99 -20.24 10.04
N LYS A 653 24.14 -20.70 10.53
CA LYS A 653 24.86 -21.81 9.92
C LYS A 653 24.02 -23.09 9.92
N PHE A 654 23.34 -23.36 11.04
CA PHE A 654 22.49 -24.54 11.15
C PHE A 654 21.34 -24.51 10.13
N ALA A 655 20.69 -23.35 10.01
CA ALA A 655 19.61 -23.17 9.05
C ALA A 655 20.10 -23.36 7.61
N ARG A 656 21.23 -22.73 7.29
CA ARG A 656 21.77 -22.74 5.93
C ARG A 656 22.28 -24.12 5.52
N GLU A 657 23.01 -24.79 6.42
CA GLU A 657 23.73 -26.00 6.06
C GLU A 657 22.98 -27.30 6.36
N ARG A 658 22.03 -27.26 7.29
CA ARG A 658 21.29 -28.47 7.66
C ARG A 658 19.81 -28.40 7.32
N MET A 659 19.14 -27.33 7.73
CA MET A 659 17.68 -27.27 7.58
C MET A 659 17.19 -26.99 6.16
N GLU A 660 17.79 -25.99 5.52
CA GLU A 660 17.46 -25.65 4.13
C GLU A 660 17.65 -26.83 3.16
N PRO A 661 18.76 -27.60 3.27
CA PRO A 661 18.87 -28.79 2.43
C PRO A 661 17.80 -29.85 2.71
N ALA A 662 17.43 -30.02 3.99
CA ALA A 662 16.34 -30.93 4.36
C ALA A 662 15.00 -30.46 3.81
N ILE A 663 14.73 -29.17 3.95
CA ILE A 663 13.53 -28.54 3.40
C ILE A 663 13.46 -28.72 1.87
N ASP A 664 14.56 -28.40 1.19
CA ASP A 664 14.66 -28.58 -0.25
C ASP A 664 14.32 -30.01 -0.70
N ARG A 665 14.89 -31.00 -0.02
CA ARG A 665 14.63 -32.41 -0.35
C ARG A 665 13.14 -32.72 -0.19
N GLY A 666 12.56 -32.22 0.90
CA GLY A 666 11.13 -32.41 1.16
C GLY A 666 10.24 -31.83 0.09
N PHE A 667 10.58 -30.64 -0.40
CA PHE A 667 9.80 -30.02 -1.48
C PHE A 667 10.05 -30.63 -2.86
N ARG A 668 11.25 -31.14 -3.10
CA ARG A 668 11.49 -31.87 -4.35
C ARG A 668 10.61 -33.11 -4.40
N GLU A 669 10.44 -33.78 -3.27
CA GLU A 669 9.60 -34.98 -3.19
C GLU A 669 8.13 -34.63 -3.46
N MET A 670 7.68 -33.52 -2.89
CA MET A 670 6.32 -33.04 -3.12
C MET A 670 6.06 -32.70 -4.59
N CYS A 671 7.02 -32.03 -5.23
CA CYS A 671 6.97 -31.74 -6.67
C CYS A 671 6.75 -33.02 -7.50
N GLU A 672 7.53 -34.05 -7.19
CA GLU A 672 7.40 -35.34 -7.88
C GLU A 672 6.06 -36.02 -7.62
N TYR A 673 5.58 -35.92 -6.38
CA TYR A 673 4.29 -36.45 -5.97
C TYR A 673 3.14 -35.83 -6.80
N MET A 674 3.15 -34.51 -6.91
CA MET A 674 2.16 -33.77 -7.71
C MET A 674 2.48 -33.76 -9.21
N ASN A 675 3.63 -34.31 -9.59
CA ASN A 675 4.11 -34.35 -10.98
C ASN A 675 4.16 -32.96 -11.62
N ASN A 676 4.64 -31.99 -10.85
CA ASN A 676 4.61 -30.60 -11.31
C ASN A 676 5.64 -30.34 -12.39
N LYS A 677 5.44 -29.24 -13.12
CA LYS A 677 6.28 -28.90 -14.25
C LYS A 677 7.69 -28.53 -13.84
N GLN A 678 7.81 -27.78 -12.74
CA GLN A 678 9.09 -27.23 -12.34
C GLN A 678 9.10 -27.00 -10.84
N HIS A 679 10.17 -27.43 -10.17
CA HIS A 679 10.28 -27.25 -8.72
C HIS A 679 10.64 -25.80 -8.39
N LEU A 680 9.71 -25.11 -7.75
CA LEU A 680 9.92 -23.69 -7.43
C LEU A 680 9.56 -23.35 -6.00
N MET A 681 9.37 -24.37 -5.16
CA MET A 681 9.11 -24.17 -3.74
C MET A 681 10.44 -23.93 -3.03
N PHE A 682 10.82 -22.66 -2.94
CA PHE A 682 12.11 -22.28 -2.36
C PHE A 682 11.88 -21.62 -1.01
N MET A 683 12.11 -22.40 0.05
CA MET A 683 11.87 -21.95 1.42
C MET A 683 13.20 -21.67 2.13
N ASP A 684 13.44 -20.39 2.39
CA ASP A 684 14.69 -19.93 2.98
C ASP A 684 14.47 -19.44 4.40
N ARG A 685 15.53 -19.46 5.20
CA ARG A 685 15.48 -18.93 6.56
C ARG A 685 15.13 -17.44 6.51
N GLU A 686 14.18 -17.03 7.34
CA GLU A 686 13.81 -15.63 7.43
C GLU A 686 14.40 -15.00 8.70
N ALA A 687 13.82 -15.31 9.85
CA ALA A 687 14.23 -14.68 11.10
C ALA A 687 14.95 -15.61 12.06
N ILE A 688 15.90 -15.05 12.81
CA ILE A 688 16.54 -15.71 13.95
C ILE A 688 16.24 -14.85 15.16
N ALA A 689 15.59 -15.44 16.15
CA ALA A 689 15.05 -14.71 17.28
C ALA A 689 15.40 -15.38 18.59
N GLY A 690 15.59 -14.55 19.62
CA GLY A 690 15.92 -15.01 20.97
C GLY A 690 16.22 -13.85 21.88
N PRO A 691 16.36 -14.12 23.19
CA PRO A 691 16.74 -13.06 24.12
C PRO A 691 18.24 -12.73 24.04
N PRO A 692 18.65 -11.53 24.48
CA PRO A 692 20.08 -11.23 24.59
C PRO A 692 20.77 -12.23 25.51
N LEU A 693 21.97 -12.69 25.15
CA LEU A 693 22.69 -13.68 25.96
C LEU A 693 22.92 -13.13 27.36
N GLY A 694 22.61 -13.94 28.38
CA GLY A 694 22.78 -13.55 29.77
C GLY A 694 21.62 -12.79 30.40
N SER A 695 20.64 -12.41 29.60
CA SER A 695 19.49 -11.64 30.08
C SER A 695 18.39 -12.56 30.64
N LYS A 696 17.35 -11.94 31.18
CA LYS A 696 16.15 -12.66 31.61
C LYS A 696 15.00 -12.47 30.63
N GLY A 697 15.31 -11.99 29.42
CA GLY A 697 14.29 -11.76 28.38
C GLY A 697 13.68 -13.07 27.92
N ILE A 698 12.43 -13.05 27.48
CA ILE A 698 11.78 -14.29 27.10
C ILE A 698 11.95 -14.63 25.62
N GLY A 699 12.43 -13.67 24.83
CA GLY A 699 12.74 -13.90 23.41
C GLY A 699 11.56 -13.67 22.48
N GLY A 700 10.46 -14.37 22.74
CA GLY A 700 9.27 -14.27 21.91
C GLY A 700 8.05 -14.85 22.59
N PHE A 701 6.87 -14.55 22.05
CA PHE A 701 5.62 -15.19 22.48
C PHE A 701 4.54 -15.16 21.40
N TRP A 702 3.62 -16.13 21.47
CA TRP A 702 2.39 -16.17 20.66
C TRP A 702 1.20 -16.13 21.59
N THR A 703 0.16 -15.38 21.22
CA THR A 703 -1.11 -15.42 21.97
C THR A 703 -2.17 -16.21 21.21
N GLY A 704 -1.96 -16.38 19.90
CA GLY A 704 -2.93 -17.05 19.04
C GLY A 704 -2.54 -16.87 17.59
N LYS A 705 -3.42 -17.27 16.67
CA LYS A 705 -3.17 -17.10 15.24
C LYS A 705 -3.00 -15.62 14.90
N LYS A 706 -1.98 -15.32 14.10
CA LYS A 706 -1.71 -13.97 13.61
C LYS A 706 -1.42 -12.94 14.71
N ARG A 707 -0.95 -13.44 15.86
CA ARG A 707 -0.68 -12.60 17.03
C ARG A 707 0.55 -13.09 17.77
N TYR A 708 1.68 -12.43 17.52
CA TYR A 708 2.95 -12.84 18.11
C TYR A 708 3.97 -11.71 18.10
N ALA A 709 5.03 -11.88 18.89
CA ALA A 709 6.14 -10.94 18.94
C ALA A 709 7.44 -11.72 19.10
N LEU A 710 8.47 -11.27 18.38
CA LEU A 710 9.78 -11.91 18.42
C LEU A 710 10.88 -10.85 18.51
N ASN A 711 11.92 -11.16 19.28
CA ASN A 711 13.12 -10.33 19.33
C ASN A 711 14.12 -10.85 18.30
N VAL A 712 14.24 -10.14 17.18
CA VAL A 712 14.99 -10.61 16.01
C VAL A 712 16.38 -9.97 15.87
N TRP A 713 17.37 -10.82 15.61
CA TRP A 713 18.78 -10.39 15.46
C TRP A 713 19.22 -10.38 14.00
N ASP A 714 18.56 -11.20 13.19
CA ASP A 714 18.88 -11.31 11.78
C ASP A 714 17.60 -11.62 11.00
N MET A 715 17.39 -10.88 9.93
CA MET A 715 16.21 -11.04 9.09
C MET A 715 16.65 -11.05 7.63
N GLU A 716 16.49 -12.21 6.98
CA GLU A 716 16.81 -12.37 5.55
C GLU A 716 18.23 -11.92 5.19
N GLY A 717 19.19 -12.18 6.08
CA GLY A 717 20.59 -11.83 5.84
C GLY A 717 21.02 -10.47 6.36
N THR A 718 20.07 -9.71 6.89
CA THR A 718 20.40 -8.42 7.52
C THR A 718 20.69 -8.66 9.00
N ARG A 719 21.96 -8.52 9.39
CA ARG A 719 22.37 -8.63 10.78
C ARG A 719 22.27 -7.25 11.43
N TYR A 720 21.31 -7.10 12.34
CA TYR A 720 20.99 -5.79 12.89
C TYR A 720 22.05 -5.32 13.88
N ALA A 721 22.33 -4.01 13.86
CA ALA A 721 23.21 -3.40 14.85
C ALA A 721 22.58 -3.51 16.25
N GLU A 722 21.27 -3.32 16.31
CA GLU A 722 20.50 -3.50 17.54
C GLU A 722 19.33 -4.45 17.26
N PRO A 723 18.95 -5.28 18.25
CA PRO A 723 17.84 -6.22 17.99
C PRO A 723 16.58 -5.49 17.58
N LYS A 724 15.79 -6.10 16.70
CA LYS A 724 14.56 -5.48 16.21
C LYS A 724 13.36 -6.30 16.65
N LEU A 725 12.33 -5.61 17.16
CA LEU A 725 11.09 -6.27 17.51
C LEU A 725 10.26 -6.56 16.26
N LYS A 726 10.00 -7.83 16.00
CA LYS A 726 9.06 -8.21 14.97
C LYS A 726 7.74 -8.53 15.65
N ILE A 727 6.80 -7.60 15.57
CA ILE A 727 5.50 -7.76 16.20
C ILE A 727 4.43 -7.83 15.15
N MET A 728 3.67 -8.93 15.15
CA MET A 728 2.59 -9.07 14.16
C MET A 728 1.24 -9.19 14.85
N GLY A 729 0.27 -8.41 14.38
CA GLY A 729 -1.13 -8.54 14.79
C GLY A 729 -1.53 -7.91 16.11
N LEU A 730 -0.57 -7.80 17.04
CA LEU A 730 -0.83 -7.24 18.36
C LEU A 730 -1.18 -5.76 18.28
N GLU A 731 -1.80 -5.24 19.34
CA GLU A 731 -2.36 -3.89 19.33
C GLU A 731 -1.38 -2.79 18.96
N THR A 732 -0.09 -3.04 19.16
CA THR A 732 0.96 -2.10 18.72
C THR A 732 0.91 -1.86 17.21
N GLN A 733 0.36 -2.82 16.46
CA GLN A 733 0.36 -2.77 14.99
C GLN A 733 -0.94 -2.25 14.37
N LYS A 734 -1.92 -1.95 15.22
CA LYS A 734 -3.25 -1.58 14.76
C LYS A 734 -3.43 -0.06 14.82
N SER A 735 -3.91 0.52 13.72
CA SER A 735 -4.16 1.97 13.64
C SER A 735 -5.28 2.43 14.58
N SER A 736 -6.09 1.48 15.03
CA SER A 736 -7.18 1.77 15.97
C SER A 736 -6.69 1.99 17.41
N THR A 737 -5.48 1.51 17.71
CA THR A 737 -4.90 1.65 19.05
C THR A 737 -4.33 3.07 19.23
N PRO A 738 -4.64 3.73 20.38
CA PRO A 738 -4.09 5.07 20.60
C PRO A 738 -2.57 5.12 20.44
N LYS A 739 -2.07 6.22 19.87
CA LYS A 739 -0.63 6.38 19.60
C LYS A 739 0.26 6.15 20.82
N ALA A 740 -0.08 6.81 21.93
CA ALA A 740 0.69 6.67 23.17
C ALA A 740 0.61 5.26 23.73
N VAL A 741 -0.50 4.57 23.45
CA VAL A 741 -0.70 3.19 23.91
C VAL A 741 0.10 2.19 23.06
N GLN A 742 0.14 2.42 21.75
CA GLN A 742 1.01 1.61 20.87
C GLN A 742 2.43 1.66 21.42
N LYS A 743 2.89 2.87 21.72
CA LYS A 743 4.24 3.13 22.20
C LYS A 743 4.50 2.42 23.53
N ALA A 744 3.56 2.55 24.46
CA ALA A 744 3.70 1.94 25.78
C ALA A 744 3.64 0.42 25.72
N LEU A 745 2.71 -0.12 24.92
CA LEU A 745 2.61 -1.57 24.74
C LEU A 745 3.87 -2.12 24.06
N LYS A 746 4.43 -1.38 23.11
CA LYS A 746 5.68 -1.80 22.46
C LYS A 746 6.86 -1.87 23.45
N GLU A 747 6.93 -0.92 24.36
CA GLU A 747 7.95 -0.94 25.40
C GLU A 747 7.74 -2.07 26.42
N CYS A 748 6.49 -2.38 26.75
CA CYS A 748 6.17 -3.55 27.57
C CYS A 748 6.68 -4.82 26.89
N ILE A 749 6.38 -4.96 25.60
CA ILE A 749 6.84 -6.11 24.81
C ILE A 749 8.36 -6.15 24.74
N ARG A 750 8.99 -5.00 24.47
CA ARG A 750 10.45 -4.94 24.44
C ARG A 750 11.05 -5.47 25.75
N ARG A 751 10.53 -4.97 26.87
CA ARG A 751 11.01 -5.39 28.20
C ARG A 751 10.79 -6.87 28.46
N MET A 752 9.60 -7.38 28.11
CA MET A 752 9.33 -8.81 28.17
C MET A 752 10.39 -9.63 27.42
N LEU A 753 10.60 -9.31 26.15
CA LEU A 753 11.44 -10.14 25.28
C LEU A 753 12.94 -10.00 25.51
N GLN A 754 13.37 -8.84 25.99
CA GLN A 754 14.79 -8.50 26.12
C GLN A 754 15.31 -8.47 27.55
N GLU A 755 14.43 -8.18 28.51
CA GLU A 755 14.86 -7.89 29.89
C GLU A 755 14.17 -8.75 30.94
N GLY A 756 12.91 -9.11 30.69
CA GLY A 756 12.19 -10.03 31.57
C GLY A 756 11.09 -9.42 32.41
N GLU A 757 10.55 -10.25 33.31
CA GLU A 757 9.35 -9.94 34.09
C GLU A 757 9.49 -8.70 34.99
N GLU A 758 10.60 -8.60 35.71
CA GLU A 758 10.82 -7.50 36.65
C GLU A 758 10.83 -6.15 35.94
N SER A 759 11.51 -6.10 34.79
CA SER A 759 11.57 -4.88 33.98
C SER A 759 10.17 -4.48 33.50
N LEU A 760 9.41 -5.46 33.03
CA LEU A 760 8.02 -5.25 32.61
C LEU A 760 7.19 -4.64 33.75
N GLN A 761 7.31 -5.20 34.94
CA GLN A 761 6.52 -4.76 36.11
C GLN A 761 6.84 -3.33 36.50
N GLU A 762 8.12 -2.99 36.46
CA GLU A 762 8.61 -1.64 36.73
C GLU A 762 8.00 -0.61 35.76
N TYR A 763 7.96 -0.96 34.47
CA TYR A 763 7.41 -0.08 33.47
C TYR A 763 5.90 0.07 33.56
N PHE A 764 5.20 -1.04 33.75
CA PHE A 764 3.75 -1.01 33.85
C PHE A 764 3.32 -0.09 34.99
N LYS A 765 4.00 -0.24 36.13
CA LYS A 765 3.73 0.55 37.34
C LYS A 765 3.79 2.04 37.00
N GLU A 766 4.83 2.43 36.27
CA GLU A 766 5.03 3.83 35.91
C GLU A 766 3.99 4.36 34.92
N PHE A 767 3.71 3.57 33.87
CA PHE A 767 2.73 4.00 32.87
C PHE A 767 1.36 4.26 33.49
N GLU A 768 0.92 3.34 34.35
CA GLU A 768 -0.35 3.42 35.04
C GLU A 768 -0.42 4.66 35.94
N LYS A 769 0.72 5.04 36.48
CA LYS A 769 0.83 6.18 37.37
C LYS A 769 0.80 7.51 36.63
N GLU A 770 1.32 7.53 35.41
CA GLU A 770 1.56 8.80 34.69
C GLU A 770 0.66 9.05 33.50
N PHE A 771 -0.07 8.03 33.05
CA PHE A 771 -0.78 8.11 31.76
C PHE A 771 -1.84 9.22 31.66
N ARG A 772 -2.35 9.68 32.79
CA ARG A 772 -3.35 10.76 32.80
C ARG A 772 -2.79 12.10 32.34
N GLN A 773 -1.47 12.19 32.27
CA GLN A 773 -0.78 13.39 31.80
C GLN A 773 -0.69 13.44 30.27
N LEU A 774 -0.85 12.29 29.62
CA LEU A 774 -0.73 12.20 28.17
C LEU A 774 -1.76 13.05 27.43
N ASN A 775 -1.35 13.64 26.32
CA ASN A 775 -2.23 14.46 25.50
C ASN A 775 -3.43 13.66 25.01
N TYR A 776 -4.62 14.28 25.04
CA TYR A 776 -5.87 13.57 24.74
C TYR A 776 -5.89 12.89 23.36
N ILE A 777 -5.25 13.51 22.38
CA ILE A 777 -5.15 12.94 21.02
C ILE A 777 -4.34 11.65 21.04
N SER A 778 -3.24 11.65 21.80
CA SER A 778 -2.36 10.48 21.90
C SER A 778 -3.02 9.26 22.58
N ILE A 779 -4.12 9.48 23.30
CA ILE A 779 -4.80 8.39 24.01
C ILE A 779 -6.21 8.08 23.47
N ALA A 780 -6.59 8.78 22.40
CA ALA A 780 -7.85 8.51 21.72
C ALA A 780 -7.73 7.30 20.79
N SER A 781 -8.76 6.45 20.81
CA SER A 781 -8.88 5.35 19.85
C SER A 781 -9.24 5.91 18.49
N VAL A 782 -9.08 5.10 17.46
CA VAL A 782 -9.36 5.51 16.08
C VAL A 782 -10.23 4.46 15.41
N SER A 783 -11.21 4.89 14.61
CA SER A 783 -12.00 3.96 13.82
C SER A 783 -12.50 4.59 12.53
N SER A 784 -12.59 3.78 11.47
CA SER A 784 -13.35 4.16 10.29
C SER A 784 -14.81 4.31 10.69
N ALA A 785 -15.52 5.20 10.02
CA ALA A 785 -16.88 5.55 10.37
C ALA A 785 -17.82 5.36 9.17
N ASN A 786 -18.37 4.16 9.05
CA ASN A 786 -19.31 3.84 7.98
C ASN A 786 -20.74 3.76 8.48
N ASN A 787 -21.70 4.02 7.58
CA ASN A 787 -23.13 3.91 7.85
C ASN A 787 -23.63 4.69 9.07
N ILE A 788 -23.14 5.92 9.23
CA ILE A 788 -23.59 6.80 10.31
C ILE A 788 -25.11 6.99 10.26
N ALA A 789 -25.64 7.27 9.08
CA ALA A 789 -27.08 7.49 8.87
C ALA A 789 -27.95 6.28 9.25
N LYS A 790 -27.43 5.08 9.01
CA LYS A 790 -28.14 3.84 9.32
C LYS A 790 -28.50 3.75 10.81
N TYR A 791 -27.58 4.19 11.66
CA TYR A 791 -27.74 4.08 13.11
C TYR A 791 -28.25 5.36 13.77
N ASP A 792 -28.46 6.40 12.96
CA ASP A 792 -28.97 7.67 13.44
C ASP A 792 -30.51 7.67 13.47
N VAL A 793 -31.07 7.62 14.68
CA VAL A 793 -32.51 7.71 14.86
C VAL A 793 -32.83 8.97 15.69
N GLY A 794 -33.15 10.04 14.98
CA GLY A 794 -33.44 11.34 15.60
C GLY A 794 -32.30 11.93 16.41
N GLY A 795 -31.06 11.66 16.00
CA GLY A 795 -29.88 12.19 16.66
C GLY A 795 -29.31 11.26 17.73
N PHE A 796 -30.00 10.15 17.96
CA PHE A 796 -29.61 9.20 18.99
C PHE A 796 -29.34 7.81 18.39
N PRO A 797 -28.56 6.97 19.10
CA PRO A 797 -28.22 5.65 18.57
C PRO A 797 -29.43 4.75 18.41
N GLY A 798 -29.54 4.11 17.25
CA GLY A 798 -30.56 3.11 17.02
C GLY A 798 -30.07 1.75 17.49
N PRO A 799 -30.89 0.69 17.29
CA PRO A 799 -30.51 -0.66 17.70
C PRO A 799 -29.18 -1.11 17.09
N LYS A 800 -28.33 -1.73 17.92
CA LYS A 800 -27.04 -2.28 17.49
C LYS A 800 -26.01 -1.23 17.05
N CYS A 801 -26.20 0.01 17.50
CA CYS A 801 -25.29 1.11 17.14
C CYS A 801 -23.87 0.85 17.63
N PRO A 802 -22.90 0.79 16.70
CA PRO A 802 -21.50 0.61 17.09
C PRO A 802 -21.02 1.74 18.00
N PHE A 803 -20.04 1.42 18.84
CA PHE A 803 -19.51 2.34 19.84
C PHE A 803 -18.98 3.63 19.23
N HIS A 804 -18.20 3.53 18.16
CA HIS A 804 -17.64 4.71 17.49
C HIS A 804 -18.70 5.58 16.81
N ILE A 805 -19.75 4.95 16.28
CA ILE A 805 -20.88 5.66 15.68
C ILE A 805 -21.69 6.40 16.75
N ARG A 806 -21.90 5.74 17.89
CA ARG A 806 -22.48 6.39 19.07
C ARG A 806 -21.72 7.69 19.39
N GLY A 807 -20.39 7.62 19.36
CA GLY A 807 -19.54 8.78 19.62
C GLY A 807 -19.77 9.92 18.64
N ILE A 808 -19.98 9.57 17.37
CA ILE A 808 -20.23 10.55 16.32
C ILE A 808 -21.58 11.24 16.51
N LEU A 809 -22.59 10.46 16.90
CA LEU A 809 -23.92 10.99 17.15
C LEU A 809 -23.90 11.94 18.35
N THR A 810 -23.13 11.57 19.38
CA THR A 810 -22.88 12.44 20.52
C THR A 810 -22.27 13.78 20.08
N TYR A 811 -21.23 13.71 19.27
CA TYR A 811 -20.57 14.86 18.68
C TYR A 811 -21.54 15.74 17.88
N ASN A 812 -22.37 15.10 17.05
CA ASN A 812 -23.34 15.82 16.21
C ASN A 812 -24.36 16.62 17.02
N ARG A 813 -24.77 16.10 18.17
CA ARG A 813 -25.69 16.81 19.07
C ARG A 813 -25.00 17.99 19.76
N ALA A 814 -23.74 17.80 20.12
CA ALA A 814 -22.96 18.82 20.82
C ALA A 814 -22.56 20.00 19.93
N ILE A 815 -22.42 19.75 18.62
CA ILE A 815 -22.09 20.83 17.67
C ILE A 815 -23.28 21.33 16.84
N LYS A 816 -24.48 20.79 17.12
CA LYS A 816 -25.67 21.13 16.33
C LYS A 816 -25.98 22.62 16.34
N GLY A 817 -26.25 23.17 15.17
CA GLY A 817 -26.49 24.60 15.00
C GLY A 817 -25.31 25.31 14.37
N ASN A 818 -24.11 24.81 14.65
CA ASN A 818 -22.86 25.38 14.12
C ASN A 818 -22.53 24.92 12.70
N ILE A 819 -22.66 25.82 11.74
CA ILE A 819 -22.26 25.57 10.36
C ILE A 819 -20.73 25.49 10.22
N ASP A 820 -20.04 26.20 11.12
CA ASP A 820 -18.58 26.33 11.08
C ASP A 820 -17.85 25.09 11.61
N ALA A 821 -18.48 24.40 12.57
CA ALA A 821 -17.88 23.24 13.24
C ALA A 821 -17.49 22.16 12.24
N PRO A 822 -16.32 21.52 12.44
CA PRO A 822 -15.91 20.44 11.54
C PRO A 822 -16.93 19.30 11.58
N GLN A 823 -17.33 18.83 10.41
CA GLN A 823 -18.29 17.73 10.33
C GLN A 823 -17.54 16.42 10.15
N VAL A 824 -18.09 15.36 10.72
CA VAL A 824 -17.58 14.02 10.51
C VAL A 824 -18.03 13.57 9.12
N VAL A 825 -17.08 13.13 8.31
CA VAL A 825 -17.39 12.68 6.95
C VAL A 825 -17.60 11.17 6.89
N GLU A 826 -18.74 10.76 6.36
CA GLU A 826 -19.07 9.35 6.14
C GLU A 826 -17.91 8.61 5.45
N GLY A 827 -17.46 7.51 6.06
CA GLY A 827 -16.42 6.68 5.47
C GLY A 827 -14.99 7.05 5.87
N GLU A 828 -14.85 8.21 6.51
CA GLU A 828 -13.56 8.69 6.99
C GLU A 828 -13.29 8.18 8.40
N LYS A 829 -12.16 8.58 8.98
CA LYS A 829 -11.79 8.11 10.31
C LYS A 829 -12.04 9.13 11.41
N VAL A 830 -12.36 8.63 12.60
CA VAL A 830 -12.59 9.47 13.77
C VAL A 830 -11.72 9.06 14.94
N TYR A 831 -11.37 10.03 15.78
CA TYR A 831 -10.86 9.75 17.12
C TYR A 831 -12.05 9.49 18.02
N VAL A 832 -11.87 8.62 19.02
CA VAL A 832 -12.96 8.23 19.91
C VAL A 832 -12.45 8.21 21.36
N LEU A 833 -13.17 8.89 22.23
CA LEU A 833 -12.88 8.89 23.67
C LEU A 833 -14.10 8.53 24.48
N PRO A 834 -13.90 7.73 25.54
CA PRO A 834 -14.99 7.42 26.47
C PRO A 834 -15.22 8.59 27.43
N LEU A 835 -16.46 8.71 27.89
CA LEU A 835 -16.86 9.81 28.78
C LEU A 835 -17.37 9.26 30.10
N ARG A 836 -17.05 9.94 31.19
CA ARG A 836 -17.48 9.52 32.53
C ARG A 836 -18.99 9.69 32.73
N GLU A 837 -19.56 8.82 33.57
CA GLU A 837 -20.96 8.89 33.99
C GLU A 837 -21.36 10.30 34.42
N GLY A 838 -22.48 10.79 33.89
CA GLY A 838 -23.05 12.08 34.29
C GLY A 838 -22.58 13.28 33.49
N ASN A 839 -21.80 13.04 32.44
CA ASN A 839 -21.28 14.10 31.58
C ASN A 839 -22.37 14.91 30.86
N PRO A 840 -22.06 16.15 30.46
CA PRO A 840 -23.04 17.01 29.78
C PRO A 840 -23.36 16.62 28.34
N PHE A 841 -22.63 15.65 27.78
CA PHE A 841 -22.87 15.21 26.40
C PHE A 841 -23.98 14.16 26.33
N GLY A 842 -24.39 13.66 27.49
CA GLY A 842 -25.49 12.71 27.61
C GLY A 842 -25.24 11.32 27.03
N ASP A 843 -23.97 10.95 26.85
CA ASP A 843 -23.63 9.59 26.41
C ASP A 843 -22.21 9.15 26.84
N LYS A 844 -21.91 7.87 26.61
CA LYS A 844 -20.70 7.24 27.18
C LYS A 844 -19.41 7.44 26.37
N CYS A 845 -19.51 8.13 25.24
CA CYS A 845 -18.35 8.38 24.38
C CYS A 845 -18.61 9.49 23.39
N ILE A 846 -17.54 10.00 22.80
CA ILE A 846 -17.60 11.04 21.79
C ILE A 846 -16.53 10.81 20.73
N ALA A 847 -16.86 11.14 19.48
CA ALA A 847 -15.95 10.97 18.37
C ALA A 847 -15.84 12.24 17.56
N TRP A 848 -14.67 12.50 16.99
CA TRP A 848 -14.46 13.68 16.16
C TRP A 848 -13.47 13.35 15.04
N PRO A 849 -13.43 14.18 13.96
CA PRO A 849 -12.57 13.82 12.83
C PRO A 849 -11.09 13.58 13.19
N SER A 850 -10.54 12.47 12.72
CA SER A 850 -9.16 12.10 13.04
C SER A 850 -8.17 13.08 12.41
N GLY A 851 -6.97 13.15 12.97
CA GLY A 851 -5.93 14.07 12.52
C GLY A 851 -6.18 15.52 12.92
N THR A 852 -7.21 15.75 13.73
CA THR A 852 -7.55 17.12 14.15
C THR A 852 -7.76 17.24 15.65
N GLU A 853 -7.54 18.45 16.14
CA GLU A 853 -7.93 18.85 17.48
C GLU A 853 -9.45 18.98 17.48
N ILE A 854 -10.09 18.55 18.56
CA ILE A 854 -11.53 18.71 18.67
C ILE A 854 -11.87 20.21 18.79
N THR A 855 -12.95 20.63 18.13
CA THR A 855 -13.35 22.04 18.09
C THR A 855 -13.39 22.69 19.47
N ASP A 856 -12.98 23.96 19.52
CA ASP A 856 -12.91 24.71 20.78
C ASP A 856 -14.27 24.93 21.45
N LEU A 857 -15.36 24.68 20.73
CA LEU A 857 -16.70 24.78 21.36
C LEU A 857 -16.97 23.70 22.42
N ILE A 858 -16.28 22.56 22.33
CA ILE A 858 -16.50 21.46 23.27
C ILE A 858 -15.22 20.84 23.87
N LYS A 859 -14.06 21.33 23.43
CA LYS A 859 -12.78 20.73 23.87
C LYS A 859 -12.63 20.70 25.38
N ASP A 860 -12.85 21.83 26.04
CA ASP A 860 -12.70 21.93 27.49
C ASP A 860 -13.55 20.89 28.23
N ASP A 861 -14.79 20.68 27.75
CA ASP A 861 -15.71 19.72 28.37
C ASP A 861 -15.32 18.27 28.09
N VAL A 862 -14.78 17.99 26.91
CA VAL A 862 -14.28 16.65 26.60
C VAL A 862 -13.11 16.33 27.53
N LEU A 863 -12.16 17.26 27.64
CA LEU A 863 -10.99 17.06 28.51
C LEU A 863 -11.39 16.82 29.97
N HIS A 864 -12.38 17.56 30.43
CA HIS A 864 -12.84 17.46 31.82
C HIS A 864 -13.56 16.15 32.10
N TRP A 865 -14.26 15.62 31.11
CA TRP A 865 -15.09 14.44 31.29
C TRP A 865 -14.52 13.14 30.72
N MET A 866 -13.36 13.22 30.07
CA MET A 866 -12.60 12.06 29.58
C MET A 866 -12.49 10.98 30.62
N ASP A 867 -12.88 9.75 30.26
CA ASP A 867 -12.79 8.64 31.20
C ASP A 867 -11.45 7.91 31.07
N TYR A 868 -10.46 8.39 31.82
CA TYR A 868 -9.11 7.84 31.79
C TYR A 868 -9.05 6.38 32.22
N THR A 869 -9.86 6.03 33.23
CA THR A 869 -9.87 4.67 33.78
C THR A 869 -10.32 3.65 32.73
N VAL A 870 -11.41 3.97 32.04
CA VAL A 870 -11.97 3.10 31.00
C VAL A 870 -10.99 3.00 29.83
N LEU A 871 -10.45 4.16 29.45
CA LEU A 871 -9.43 4.25 28.41
C LEU A 871 -8.26 3.32 28.71
N LEU A 872 -7.69 3.43 29.91
CA LEU A 872 -6.56 2.59 30.31
C LEU A 872 -6.90 1.11 30.31
N GLU A 873 -8.05 0.77 30.87
CA GLU A 873 -8.45 -0.63 30.94
C GLU A 873 -8.60 -1.25 29.55
N LYS A 874 -9.29 -0.53 28.66
CA LYS A 874 -9.64 -1.08 27.35
C LYS A 874 -8.48 -1.17 26.37
N THR A 875 -7.67 -0.13 26.31
CA THR A 875 -6.63 -0.01 25.28
C THR A 875 -5.27 -0.55 25.73
N PHE A 876 -5.03 -0.56 27.04
CA PHE A 876 -3.72 -0.92 27.55
C PHE A 876 -3.74 -2.20 28.40
N ILE A 877 -4.51 -2.18 29.48
CA ILE A 877 -4.48 -3.30 30.44
C ILE A 877 -4.99 -4.60 29.85
N LYS A 878 -6.15 -4.54 29.20
CA LYS A 878 -6.74 -5.71 28.56
C LYS A 878 -5.78 -6.39 27.55
N PRO A 879 -5.19 -5.61 26.61
CA PRO A 879 -4.20 -6.24 25.72
C PRO A 879 -2.94 -6.75 26.42
N LEU A 880 -2.41 -5.97 27.37
CA LEU A 880 -1.22 -6.41 28.11
C LEU A 880 -1.47 -7.70 28.91
N GLU A 881 -2.65 -7.80 29.51
CA GLU A 881 -3.08 -9.02 30.19
C GLU A 881 -3.05 -10.22 29.25
N GLY A 882 -3.51 -10.00 28.01
CA GLY A 882 -3.42 -11.00 26.96
C GLY A 882 -1.99 -11.41 26.66
N PHE A 883 -1.09 -10.44 26.51
CA PHE A 883 0.33 -10.72 26.19
C PHE A 883 0.98 -11.52 27.32
N THR A 884 0.78 -11.06 28.55
CA THR A 884 1.49 -11.60 29.70
C THR A 884 0.98 -12.98 30.10
N SER A 885 -0.33 -13.19 30.05
CA SER A 885 -0.90 -14.51 30.39
C SER A 885 -0.50 -15.55 29.35
N ALA A 886 -0.42 -15.14 28.09
CA ALA A 886 0.13 -15.98 27.02
C ALA A 886 1.59 -16.34 27.32
N ALA A 887 2.37 -15.36 27.77
CA ALA A 887 3.80 -15.53 28.04
C ALA A 887 4.12 -16.16 29.40
N LYS A 888 3.07 -16.41 30.20
CA LYS A 888 3.19 -17.02 31.54
C LYS A 888 3.98 -16.14 32.51
N LEU A 889 3.72 -14.84 32.50
CA LEU A 889 4.31 -13.96 33.48
C LEU A 889 3.34 -12.88 33.96
N ASP A 890 3.71 -12.17 35.00
CA ASP A 890 2.82 -11.20 35.66
C ASP A 890 3.27 -9.77 35.41
N TYR A 891 2.32 -8.91 35.06
CA TYR A 891 2.63 -7.48 34.93
C TYR A 891 2.61 -6.75 36.27
N GLU A 892 2.13 -7.44 37.30
CA GLU A 892 2.14 -6.94 38.67
C GLU A 892 2.80 -7.97 39.58
N LYS A 893 3.67 -7.49 40.47
CA LYS A 893 4.44 -8.37 41.35
C LYS A 893 3.53 -9.19 42.28
N LYS A 894 3.71 -10.51 42.24
CA LYS A 894 3.00 -11.43 43.12
C LYS A 894 3.56 -11.40 44.53
N ALA A 895 2.71 -11.69 45.52
CA ALA A 895 3.13 -11.75 46.93
C ALA A 895 4.06 -12.95 47.17
N SER A 896 5.11 -12.72 47.95
CA SER A 896 6.08 -13.78 48.28
C SER A 896 6.29 -13.89 49.79
N LEU A 897 7.02 -14.93 50.21
CA LEU A 897 7.34 -15.14 51.62
C LEU A 897 8.38 -14.15 52.16
N PHE A 898 9.11 -13.51 51.24
CA PHE A 898 10.05 -12.45 51.59
C PHE A 898 9.36 -11.18 52.07
N ASP A 899 8.16 -10.94 51.56
CA ASP A 899 7.31 -9.84 52.00
C ASP A 899 6.41 -10.32 53.14
N MET A 900 6.60 -9.79 54.35
CA MET A 900 7.58 -8.74 54.62
C MET A 900 8.61 -9.13 55.68
N PHE A 901 9.76 -8.46 55.65
CA PHE A 901 10.83 -8.66 56.63
C PHE A 901 11.22 -7.36 57.32
P YCO B 4 -9.51 -4.71 -9.52
N1 YCO B 4 -6.03 -8.30 -5.58
C2 YCO B 4 -5.42 -9.19 -4.67
O2 YCO B 4 -5.42 -10.51 -4.96
N3 YCO B 4 -4.71 -8.76 -3.60
C4 YCO B 4 -4.66 -7.45 -3.28
C5 YCO B 4 -5.37 -6.47 -4.12
C6 YCO B 4 -6.10 -6.92 -5.22
N7 YCO B 4 -3.98 -7.03 -2.20
C8 YCO B 4 -3.92 -5.70 -1.89
C9 YCO B 4 -3.20 -5.29 -0.77
C1' YCO B 4 -6.98 -8.86 -6.59
C10 YCO B 4 -3.14 -3.93 -0.43
C11 YCO B 4 -3.79 -2.99 -1.21
C12 YCO B 4 -4.52 -3.39 -2.33
C13 YCO B 4 -4.59 -4.75 -2.68
O14 YCO B 4 -5.31 -5.14 -3.78
C2' YCO B 4 -8.21 -9.52 -6.00
C3' YCO B 4 -9.25 -8.46 -6.18
O3' YCO B 4 -10.56 -9.02 -6.33
C4' YCO B 4 -8.83 -7.75 -7.46
O4' YCO B 4 -7.40 -7.81 -7.47
C5' YCO B 4 -9.30 -6.32 -7.37
O5' YCO B 4 -8.62 -5.55 -8.33
OP1 YCO B 4 -8.65 -4.18 -11.01
OP2 YCO B 4 -11.35 -4.78 -9.50
N1 DOC C 13 -1.25 -12.28 4.18
C2 DOC C 13 -2.33 -12.34 3.28
N3 DOC C 13 -2.85 -11.21 2.76
C4 DOC C 13 -2.34 -10.00 3.10
C5 DOC C 13 -1.26 -9.91 3.99
C6 DOC C 13 -0.72 -11.08 4.52
O2 DOC C 13 -2.82 -13.44 2.93
N4 DOC C 13 -2.83 -8.90 2.48
C1' DOC C 13 -0.69 -13.53 4.71
C2' DOC C 13 0.54 -13.94 3.90
C3' DOC C 13 1.55 -14.43 4.91
C4' DOC C 13 0.74 -14.51 6.19
O4' DOC C 13 -0.23 -13.46 6.06
C5' DOC C 13 1.60 -14.47 7.44
O5' DOC C 13 2.02 -13.15 7.75
P DOC C 13 2.39 -12.72 9.25
OP1 DOC C 13 2.78 -13.92 10.11
OP2 DOC C 13 3.33 -11.56 9.08
PG DGT D . 8.04 -12.98 -0.52
O1G DGT D . 7.96 -13.87 0.68
O2G DGT D . 8.94 -13.51 -1.60
O3G DGT D . 8.46 -11.60 -0.12
O3B DGT D . 6.59 -12.88 -1.23
PB DGT D . 5.29 -13.71 -0.81
O1B DGT D . 4.33 -13.57 -1.98
O2B DGT D . 5.57 -15.15 -0.48
O3A DGT D . 4.77 -12.83 0.42
PA DGT D . 4.09 -13.29 1.81
O1A DGT D . 3.83 -12.03 2.57
O2A DGT D . 4.95 -14.27 2.55
O5' DGT D . 2.68 -13.94 1.40
C5' DGT D . 2.55 -15.34 1.19
C4' DGT D . 1.43 -15.57 0.20
O4' DGT D . 0.21 -15.09 0.77
C3' DGT D . 1.56 -14.81 -1.11
O3' DGT D . 2.44 -15.39 -2.07
C2' DGT D . 0.10 -14.83 -1.55
C1' DGT D . -0.64 -14.59 -0.24
N9 DGT D . -0.79 -13.13 -0.17
C8 DGT D . -0.07 -12.23 0.58
N7 DGT D . -0.50 -10.99 0.30
C5 DGT D . -1.48 -11.07 -0.64
C6 DGT D . -2.26 -10.11 -1.28
O6 DGT D . -2.11 -8.90 -1.04
N1 DGT D . -3.19 -10.52 -2.21
C2 DGT D . -3.35 -11.86 -2.50
N2 DGT D . -4.25 -12.25 -3.41
N3 DGT D . -2.58 -12.80 -1.85
C4 DGT D . -1.66 -12.41 -0.93
CA CA E . 6.87 -15.68 1.39
CA CA F . 5.25 -15.22 4.86
CA CA G . 35.12 5.91 13.47
CA CA H . -5.52 24.21 2.30
CA CA I . 17.61 -21.97 -0.17
CA CA J . -31.91 7.69 10.13
CA CA K . 13.24 -14.70 1.26
#